data_5ZL1
#
_entry.id   5ZL1
#
_cell.length_a   270.217
_cell.length_b   270.217
_cell.length_c   128.909
_cell.angle_alpha   90.000
_cell.angle_beta   90.000
_cell.angle_gamma   120.000
#
_symmetry.space_group_name_H-M   'H 3 2'
#
loop_
_entity.id
_entity.type
_entity.pdbx_description
1 polymer 'Putative copper-type nitrite reductase'
2 non-polymer 'COPPER (II) ION'
3 non-polymer 'CALCIUM ION'
4 non-polymer 'SULFATE ION'
5 water water
#
_entity_poly.entity_id   1
_entity_poly.type   'polypeptide(L)'
_entity_poly.pdbx_seq_one_letter_code
;MGSSHHHHHHSSGLVPRGSHMVDVISNVAKDPADIPGRISRSCPKTVTVNLVAKEVVADLAPGKKFWFWTFAEKKGDTVG
PATVPGPMVRVMEGDTVVINLTNDLHNEEPHNLDFHAGFGAMLMDIEPGETDTLTFKAKREGAYIYHCGAEGMPWEHVAY
GMYGLIVVEPKGGLSRVDKEFYIGQGEWYIKPGIEDHPHIRGYSLDEDKALAEHPDYFTFNGHTQALMDPSIYGNAITVN
QGDKVRLFFVAGGPNIGSNFHIIGQIFDKFYPGHRRDFIRNEETAYIPPGSAAVFEFKALATGDFLIVDHALFRVPKGAG
GLLHVK
;
_entity_poly.pdbx_strand_id   A,B,C,D
#
# COMPACT_ATOMS: atom_id res chain seq x y z
N MET A 21 28.80 -3.47 -3.28
CA MET A 21 28.14 -4.34 -4.32
C MET A 21 27.45 -3.59 -5.45
N VAL A 22 27.48 -4.17 -6.64
CA VAL A 22 26.97 -3.48 -7.83
C VAL A 22 25.46 -3.29 -7.80
N ASP A 23 25.03 -2.17 -8.38
CA ASP A 23 23.63 -1.88 -8.54
C ASP A 23 23.15 -2.67 -9.73
N VAL A 24 21.89 -3.12 -9.68
CA VAL A 24 21.25 -3.82 -10.78
C VAL A 24 19.86 -3.25 -11.10
N ILE A 25 19.77 -2.55 -12.21
CA ILE A 25 18.55 -1.80 -12.57
C ILE A 25 17.99 -2.46 -13.81
N SER A 26 16.74 -2.15 -14.13
CA SER A 26 16.07 -2.69 -15.33
C SER A 26 16.75 -2.34 -16.65
N ASN A 27 17.08 -1.06 -16.84
CA ASN A 27 17.72 -0.62 -18.10
C ASN A 27 18.43 0.72 -17.98
N VAL A 28 19.30 0.97 -18.95
CA VAL A 28 20.06 2.24 -19.03
C VAL A 28 19.57 3.11 -20.19
N ALA A 29 18.38 2.82 -20.70
CA ALA A 29 17.85 3.56 -21.83
C ALA A 29 17.80 5.04 -21.52
N LYS A 30 18.17 5.86 -22.52
CA LYS A 30 18.16 7.32 -22.40
C LYS A 30 16.89 7.87 -23.04
N ASP A 31 16.17 8.70 -22.30
CA ASP A 31 15.01 9.39 -22.84
C ASP A 31 15.47 10.29 -23.98
N PRO A 32 14.89 10.13 -25.19
CA PRO A 32 15.31 11.04 -26.26
C PRO A 32 14.62 12.41 -26.22
N ALA A 33 14.02 12.78 -25.10
CA ALA A 33 13.47 14.10 -24.87
C ALA A 33 14.14 14.87 -23.73
N ASP A 34 14.93 14.19 -22.89
CA ASP A 34 15.71 14.83 -21.83
C ASP A 34 16.81 15.68 -22.51
N ILE A 35 16.40 16.85 -23.00
CA ILE A 35 17.28 17.72 -23.78
C ILE A 35 17.32 19.10 -23.13
N PRO A 36 18.52 19.70 -23.00
CA PRO A 36 18.58 21.09 -22.57
C PRO A 36 17.77 22.02 -23.46
N GLY A 37 17.50 23.21 -22.95
CA GLY A 37 16.69 24.21 -23.66
C GLY A 37 17.40 24.83 -24.84
N ARG A 38 16.59 25.24 -25.82
CA ARG A 38 17.09 25.90 -27.04
C ARG A 38 17.87 27.17 -26.67
N ILE A 39 18.78 27.56 -27.56
CA ILE A 39 19.64 28.72 -27.36
C ILE A 39 19.19 29.86 -28.29
N SER A 40 18.93 31.02 -27.68
CA SER A 40 18.47 32.21 -28.41
C SER A 40 19.32 33.43 -28.05
N ARG A 41 20.57 33.20 -27.64
CA ARG A 41 21.44 34.26 -27.12
C ARG A 41 22.71 34.34 -27.96
N SER A 42 23.32 35.53 -27.97
CA SER A 42 24.64 35.74 -28.59
C SER A 42 25.74 36.05 -27.56
N CYS A 43 25.34 36.36 -26.32
CA CYS A 43 26.30 36.60 -25.24
C CYS A 43 26.99 35.33 -24.80
N PRO A 44 28.32 35.23 -25.01
CA PRO A 44 28.98 34.05 -24.46
C PRO A 44 28.81 33.94 -22.94
N LYS A 45 28.90 32.71 -22.45
CA LYS A 45 28.67 32.39 -21.04
C LYS A 45 29.53 31.21 -20.64
N THR A 46 29.59 30.96 -19.33
CA THR A 46 30.27 29.78 -18.79
C THR A 46 29.23 28.73 -18.44
N VAL A 47 28.98 27.83 -19.39
CA VAL A 47 28.01 26.74 -19.21
C VAL A 47 28.74 25.63 -18.47
N THR A 48 28.05 25.04 -17.49
CA THR A 48 28.66 24.05 -16.59
C THR A 48 27.74 22.85 -16.36
N VAL A 49 28.31 21.65 -16.50
CA VAL A 49 27.57 20.39 -16.31
C VAL A 49 28.30 19.43 -15.37
N ASN A 50 27.52 18.75 -14.54
CA ASN A 50 28.06 17.81 -13.56
C ASN A 50 27.77 16.38 -14.00
N LEU A 51 28.83 15.63 -14.29
CA LEU A 51 28.73 14.22 -14.69
C LEU A 51 29.32 13.26 -13.65
N VAL A 52 28.77 12.05 -13.62
CA VAL A 52 29.21 11.00 -12.71
C VAL A 52 29.25 9.65 -13.43
N ALA A 53 30.46 9.09 -13.56
CA ALA A 53 30.68 7.79 -14.20
C ALA A 53 30.11 6.67 -13.33
N LYS A 54 29.18 5.90 -13.88
CA LYS A 54 28.41 4.89 -13.14
C LYS A 54 28.47 3.51 -13.79
N GLU A 55 29.16 2.57 -13.14
CA GLU A 55 29.13 1.18 -13.56
C GLU A 55 27.85 0.54 -13.04
N VAL A 56 27.11 -0.12 -13.91
CA VAL A 56 25.78 -0.63 -13.59
C VAL A 56 25.52 -1.94 -14.33
N VAL A 57 24.72 -2.82 -13.73
CA VAL A 57 24.18 -3.97 -14.45
C VAL A 57 22.74 -3.68 -14.81
N ALA A 58 22.37 -4.03 -16.04
CA ALA A 58 21.02 -3.82 -16.53
C ALA A 58 20.75 -4.63 -17.79
N ASP A 59 19.50 -4.65 -18.22
CA ASP A 59 19.13 -5.35 -19.46
C ASP A 59 19.65 -4.60 -20.67
N LEU A 60 20.49 -5.27 -21.46
CA LEU A 60 20.87 -4.76 -22.78
C LEU A 60 19.72 -5.11 -23.72
N ALA A 61 19.42 -6.41 -23.77
CA ALA A 61 18.27 -6.92 -24.49
C ALA A 61 17.29 -7.51 -23.48
N PRO A 62 16.04 -7.79 -23.91
CA PRO A 62 15.14 -8.55 -23.02
C PRO A 62 15.72 -9.89 -22.60
N GLY A 63 15.81 -10.12 -21.28
CA GLY A 63 16.36 -11.36 -20.72
C GLY A 63 17.88 -11.44 -20.65
N LYS A 64 18.59 -10.42 -21.12
CA LYS A 64 20.05 -10.39 -21.12
C LYS A 64 20.55 -9.23 -20.26
N LYS A 65 21.15 -9.56 -19.11
CA LYS A 65 21.73 -8.55 -18.23
C LYS A 65 23.16 -8.23 -18.66
N PHE A 66 23.47 -6.95 -18.82
CA PHE A 66 24.80 -6.53 -19.25
C PHE A 66 25.42 -5.57 -18.24
N TRP A 67 26.75 -5.61 -18.16
CA TRP A 67 27.52 -4.73 -17.27
C TRP A 67 27.86 -3.43 -18.00
N PHE A 68 27.16 -2.36 -17.65
CA PHE A 68 27.32 -1.09 -18.33
C PHE A 68 28.30 -0.15 -17.62
N TRP A 69 28.94 0.69 -18.41
CA TRP A 69 29.75 1.79 -17.94
C TRP A 69 29.05 2.98 -18.57
N THR A 70 28.47 3.85 -17.77
CA THR A 70 27.63 4.92 -18.31
C THR A 70 28.00 6.26 -17.70
N PHE A 71 27.42 7.29 -18.28
CA PHE A 71 27.51 8.65 -17.75
C PHE A 71 26.13 9.02 -17.23
N ALA A 72 26.11 9.78 -16.13
CA ALA A 72 24.87 10.28 -15.56
C ALA A 72 25.02 11.76 -15.25
N GLU A 73 23.92 12.51 -15.37
CA GLU A 73 23.96 13.97 -15.15
C GLU A 73 23.47 14.30 -13.75
N LYS A 74 24.29 15.05 -13.01
CA LYS A 74 23.95 15.47 -11.66
C LYS A 74 23.40 16.90 -11.66
N LYS A 75 22.13 17.04 -11.29
CA LYS A 75 21.51 18.34 -11.11
C LYS A 75 21.40 18.63 -9.61
N GLY A 76 22.03 19.72 -9.17
CA GLY A 76 21.98 20.08 -7.77
C GLY A 76 22.63 18.95 -7.00
N ASP A 77 21.95 18.50 -5.95
CA ASP A 77 22.45 17.38 -5.15
C ASP A 77 22.02 16.02 -5.67
N THR A 78 21.03 16.01 -6.57
CA THR A 78 20.50 14.78 -7.14
C THR A 78 21.20 14.30 -8.41
N VAL A 79 21.41 12.98 -8.49
CA VAL A 79 22.08 12.38 -9.64
C VAL A 79 21.24 11.30 -10.30
N GLY A 80 21.74 10.81 -11.44
CA GLY A 80 21.07 9.77 -12.22
C GLY A 80 19.97 10.33 -13.11
N PRO A 81 19.35 9.50 -13.96
CA PRO A 81 19.67 8.09 -14.09
C PRO A 81 20.91 7.87 -14.94
N ALA A 82 21.41 6.64 -14.92
CA ALA A 82 22.56 6.21 -15.72
C ALA A 82 22.05 5.76 -17.08
N THR A 83 22.63 6.29 -18.16
CA THR A 83 22.11 6.04 -19.50
C THR A 83 23.15 5.86 -20.60
N VAL A 84 22.69 5.28 -21.72
CA VAL A 84 23.47 5.14 -22.94
C VAL A 84 22.55 5.54 -24.11
N PRO A 85 22.89 6.57 -24.90
CA PRO A 85 24.08 7.41 -24.70
C PRO A 85 23.97 8.28 -23.45
N GLY A 86 25.10 8.85 -23.04
CA GLY A 86 25.17 9.73 -21.88
C GLY A 86 24.33 10.98 -22.06
N PRO A 87 24.35 11.89 -21.07
CA PRO A 87 23.55 13.11 -21.13
C PRO A 87 24.00 14.04 -22.25
N MET A 88 23.03 14.67 -22.93
CA MET A 88 23.35 15.62 -23.98
C MET A 88 23.81 16.95 -23.36
N VAL A 89 25.00 17.38 -23.76
CA VAL A 89 25.53 18.69 -23.40
C VAL A 89 25.16 19.65 -24.55
N ARG A 90 24.89 20.91 -24.20
CA ARG A 90 24.45 21.89 -25.19
C ARG A 90 24.95 23.28 -24.83
N VAL A 91 25.75 23.85 -25.73
CA VAL A 91 26.39 25.15 -25.51
C VAL A 91 26.36 25.99 -26.79
N MET A 92 26.86 27.22 -26.68
CA MET A 92 26.97 28.14 -27.81
C MET A 92 28.45 28.34 -28.16
N GLU A 93 28.73 28.68 -29.43
CA GLU A 93 30.11 28.91 -29.88
C GLU A 93 30.68 30.17 -29.25
N GLY A 94 31.76 30.00 -28.49
CA GLY A 94 32.39 31.09 -27.74
C GLY A 94 32.14 31.00 -26.25
N ASP A 95 31.21 30.13 -25.84
CA ASP A 95 31.04 29.82 -24.42
C ASP A 95 32.29 29.19 -23.84
N THR A 96 32.33 29.14 -22.52
CA THR A 96 33.37 28.43 -21.78
C THR A 96 32.68 27.25 -21.11
N VAL A 97 33.17 26.05 -21.39
CA VAL A 97 32.47 24.83 -20.97
C VAL A 97 33.20 24.17 -19.80
N VAL A 98 32.47 23.92 -18.73
CA VAL A 98 33.02 23.32 -17.51
C VAL A 98 32.28 22.02 -17.22
N ILE A 99 32.99 20.90 -17.29
CA ILE A 99 32.43 19.60 -16.97
C ILE A 99 33.13 19.07 -15.72
N ASN A 100 32.37 18.92 -14.64
CA ASN A 100 32.87 18.28 -13.43
C ASN A 100 32.53 16.80 -13.54
N LEU A 101 33.55 15.95 -13.69
CA LEU A 101 33.34 14.50 -13.71
C LEU A 101 33.63 13.92 -12.35
N THR A 102 32.74 13.03 -11.90
CA THR A 102 32.94 12.25 -10.69
C THR A 102 32.92 10.77 -11.04
N ASN A 103 33.83 10.02 -10.43
CA ASN A 103 33.85 8.56 -10.57
C ASN A 103 33.32 7.98 -9.26
N ASP A 104 32.11 7.42 -9.31
CA ASP A 104 31.46 6.83 -8.12
C ASP A 104 32.40 5.92 -7.34
N LEU A 105 32.16 5.82 -6.04
CA LEU A 105 33.01 5.06 -5.12
C LEU A 105 32.89 3.55 -5.33
N HIS A 106 31.72 3.10 -5.79
CA HIS A 106 31.44 1.68 -5.98
C HIS A 106 31.79 1.18 -7.39
N ASN A 107 32.51 2.00 -8.16
CA ASN A 107 33.07 1.59 -9.46
C ASN A 107 34.36 0.79 -9.32
N GLU A 108 34.74 0.13 -10.40
CA GLU A 108 35.93 -0.70 -10.46
C GLU A 108 36.99 0.04 -11.27
N GLU A 109 36.76 0.17 -12.58
CA GLU A 109 37.78 0.74 -13.47
C GLU A 109 37.77 2.27 -13.36
N PRO A 110 38.95 2.90 -13.59
CA PRO A 110 39.02 4.37 -13.60
C PRO A 110 38.40 4.94 -14.87
N HIS A 111 38.11 6.23 -14.89
CA HIS A 111 37.47 6.87 -16.05
C HIS A 111 37.96 8.30 -16.27
N ASN A 112 37.55 8.88 -17.40
CA ASN A 112 37.90 10.26 -17.78
C ASN A 112 37.03 10.75 -18.96
N LEU A 113 37.16 12.01 -19.33
CA LEU A 113 36.42 12.59 -20.44
C LEU A 113 37.32 12.85 -21.65
N ASP A 114 36.68 12.92 -22.82
CA ASP A 114 37.32 13.29 -24.08
C ASP A 114 36.28 13.96 -24.99
N PHE A 115 36.34 15.28 -25.10
CA PHE A 115 35.36 16.02 -25.89
C PHE A 115 35.94 16.33 -27.27
N HIS A 116 35.25 15.87 -28.30
CA HIS A 116 35.59 16.19 -29.70
C HIS A 116 35.32 17.66 -30.05
N ALA A 117 34.47 18.32 -29.24
CA ALA A 117 34.16 19.75 -29.43
C ALA A 117 35.26 20.72 -29.01
N GLY A 118 36.30 20.24 -28.32
CA GLY A 118 37.39 21.09 -27.82
C GLY A 118 38.78 20.69 -28.24
N PHE A 119 39.69 21.67 -28.25
CA PHE A 119 41.09 21.46 -28.62
C PHE A 119 41.86 20.95 -27.41
N GLY A 120 42.34 19.72 -27.50
CA GLY A 120 42.98 19.05 -26.37
C GLY A 120 42.08 19.07 -25.16
N ALA A 121 40.84 18.66 -25.35
CA ALA A 121 39.82 18.65 -24.28
C ALA A 121 39.65 17.24 -23.74
N MET A 122 40.71 16.75 -23.09
CA MET A 122 40.71 15.45 -22.43
C MET A 122 41.12 15.66 -20.97
N LEU A 123 40.43 14.94 -20.08
CA LEU A 123 40.79 14.94 -18.65
C LEU A 123 41.90 13.93 -18.39
N MET A 124 42.30 13.81 -17.13
CA MET A 124 43.18 12.73 -16.70
C MET A 124 42.39 11.70 -15.90
N ASP A 125 42.80 10.45 -16.03
CA ASP A 125 42.09 9.33 -15.40
C ASP A 125 41.87 9.59 -13.91
N ILE A 126 40.60 9.63 -13.52
CA ILE A 126 40.23 9.85 -12.12
C ILE A 126 39.84 8.52 -11.48
N GLU A 127 40.29 8.30 -10.25
CA GLU A 127 40.08 7.02 -9.57
C GLU A 127 38.68 7.00 -8.93
N PRO A 128 38.09 5.79 -8.75
CA PRO A 128 36.78 5.74 -8.10
C PRO A 128 36.77 6.46 -6.75
N GLY A 129 35.96 7.51 -6.65
CA GLY A 129 35.86 8.35 -5.46
C GLY A 129 36.30 9.77 -5.71
N GLU A 130 37.40 9.94 -6.45
CA GLU A 130 37.96 11.26 -6.75
C GLU A 130 37.09 11.97 -7.81
N THR A 131 37.17 13.30 -7.85
CA THR A 131 36.38 14.12 -8.76
C THR A 131 37.24 15.25 -9.33
N ASP A 132 37.28 15.36 -10.66
CA ASP A 132 38.03 16.43 -11.33
C ASP A 132 37.12 17.25 -12.26
N THR A 133 37.58 18.45 -12.57
CA THR A 133 36.89 19.36 -13.47
C THR A 133 37.64 19.58 -14.78
N LEU A 134 36.90 19.50 -15.88
CA LEU A 134 37.40 19.80 -17.23
C LEU A 134 36.86 21.13 -17.71
N THR A 135 37.76 22.09 -17.92
CA THR A 135 37.40 23.39 -18.50
C THR A 135 37.94 23.48 -19.94
N PHE A 136 37.09 23.93 -20.86
CA PHE A 136 37.51 24.17 -22.25
C PHE A 136 36.60 25.18 -22.95
N LYS A 137 37.15 25.88 -23.93
CA LYS A 137 36.40 26.85 -24.74
C LYS A 137 35.89 26.17 -26.01
N ALA A 138 34.61 26.35 -26.31
CA ALA A 138 33.99 25.79 -27.51
C ALA A 138 34.06 26.81 -28.64
N LYS A 139 35.11 26.75 -29.44
CA LYS A 139 35.36 27.76 -30.49
C LYS A 139 35.14 27.23 -31.92
N ARG A 140 34.59 26.03 -32.04
CA ARG A 140 34.13 25.49 -33.33
C ARG A 140 32.73 24.90 -33.17
N GLU A 141 31.79 25.43 -33.93
CA GLU A 141 30.40 24.99 -33.86
C GLU A 141 30.21 23.64 -34.54
N GLY A 142 29.18 22.92 -34.10
CA GLY A 142 28.81 21.62 -34.65
C GLY A 142 28.33 20.63 -33.61
N ALA A 143 27.89 19.48 -34.10
CA ALA A 143 27.52 18.35 -33.26
C ALA A 143 28.75 17.45 -33.13
N TYR A 144 29.15 17.17 -31.90
CA TYR A 144 30.30 16.31 -31.63
C TYR A 144 29.97 15.20 -30.62
N ILE A 145 30.83 14.17 -30.63
CA ILE A 145 30.77 13.09 -29.65
C ILE A 145 31.74 13.35 -28.51
N TYR A 146 31.37 12.93 -27.31
CA TYR A 146 32.28 12.87 -26.17
C TYR A 146 32.26 11.47 -25.57
N HIS A 147 33.37 11.04 -24.98
CA HIS A 147 33.47 9.68 -24.44
C HIS A 147 34.55 9.47 -23.37
N CYS A 148 34.52 8.29 -22.76
CA CYS A 148 35.52 7.86 -21.78
C CYS A 148 36.70 7.25 -22.51
N GLY A 149 37.89 7.83 -22.33
CA GLY A 149 39.12 7.35 -22.98
C GLY A 149 40.18 6.86 -22.00
N ALA A 150 39.76 6.47 -20.80
CA ALA A 150 40.68 6.19 -19.68
C ALA A 150 41.52 4.94 -19.92
N GLU A 151 42.67 4.90 -19.26
CA GLU A 151 43.62 3.79 -19.34
C GLU A 151 44.24 3.60 -20.73
N GLY A 152 44.21 4.66 -21.55
CA GLY A 152 44.62 4.59 -22.93
C GLY A 152 43.90 3.53 -23.78
N MET A 153 42.71 3.13 -23.33
CA MET A 153 41.92 2.08 -24.01
C MET A 153 40.53 2.63 -24.34
N PRO A 154 40.44 3.62 -25.25
CA PRO A 154 39.12 4.17 -25.53
C PRO A 154 38.15 3.14 -26.10
N TRP A 155 38.67 2.14 -26.80
CA TRP A 155 37.84 1.03 -27.32
C TRP A 155 37.06 0.29 -26.25
N GLU A 156 37.72 -0.05 -25.14
CA GLU A 156 37.08 -0.83 -24.07
C GLU A 156 36.03 0.02 -23.36
N HIS A 157 36.36 1.28 -23.10
CA HIS A 157 35.49 2.20 -22.35
C HIS A 157 34.25 2.61 -23.14
N VAL A 158 34.41 2.88 -24.43
CA VAL A 158 33.28 3.22 -25.30
C VAL A 158 32.39 1.98 -25.50
N ALA A 159 33.03 0.83 -25.73
CA ALA A 159 32.31 -0.46 -25.90
C ALA A 159 31.29 -0.77 -24.80
N TYR A 160 31.59 -0.37 -23.57
CA TYR A 160 30.69 -0.55 -22.43
C TYR A 160 29.59 0.53 -22.28
N GLY A 161 29.60 1.54 -23.16
CA GLY A 161 28.52 2.54 -23.22
C GLY A 161 28.87 3.94 -22.77
N MET A 162 30.15 4.24 -22.57
CA MET A 162 30.58 5.56 -22.09
C MET A 162 30.76 6.55 -23.25
N TYR A 163 29.63 6.94 -23.85
CA TYR A 163 29.63 7.93 -24.94
C TYR A 163 28.37 8.78 -24.96
N GLY A 164 28.55 10.07 -25.22
CA GLY A 164 27.42 11.00 -25.35
C GLY A 164 27.68 12.07 -26.41
N LEU A 165 26.65 12.88 -26.65
CA LEU A 165 26.68 13.93 -27.68
C LEU A 165 26.78 15.31 -27.05
N ILE A 166 27.67 16.14 -27.60
CA ILE A 166 27.70 17.58 -27.30
C ILE A 166 27.47 18.36 -28.60
N VAL A 167 26.64 19.40 -28.53
CA VAL A 167 26.43 20.29 -29.67
C VAL A 167 26.86 21.70 -29.30
N VAL A 168 27.66 22.30 -30.17
CA VAL A 168 28.04 23.70 -30.05
C VAL A 168 27.24 24.46 -31.11
N GLU A 169 26.20 25.16 -30.69
CA GLU A 169 25.37 25.93 -31.62
C GLU A 169 26.08 27.23 -32.00
N PRO A 170 25.79 27.78 -33.19
CA PRO A 170 26.34 29.10 -33.51
C PRO A 170 25.76 30.19 -32.62
N LYS A 171 26.28 31.41 -32.76
CA LYS A 171 25.76 32.55 -32.02
C LYS A 171 24.37 32.88 -32.53
N GLY A 172 23.41 32.97 -31.61
CA GLY A 172 21.98 33.11 -31.95
C GLY A 172 21.25 31.78 -31.87
N GLY A 173 22.00 30.68 -31.91
CA GLY A 173 21.45 29.33 -31.90
C GLY A 173 21.01 28.89 -33.27
N LEU A 174 20.76 27.59 -33.39
CA LEU A 174 20.28 27.01 -34.64
C LEU A 174 18.86 27.49 -34.87
N SER A 175 18.42 27.42 -36.12
CA SER A 175 17.06 27.82 -36.46
C SER A 175 16.08 27.05 -35.58
N ARG A 176 15.09 27.75 -35.04
CA ARG A 176 14.14 27.16 -34.10
C ARG A 176 13.28 26.10 -34.77
N VAL A 177 12.98 25.04 -34.04
CA VAL A 177 12.14 23.97 -34.51
C VAL A 177 11.06 23.60 -33.50
N ASP A 178 10.00 22.94 -33.94
CA ASP A 178 8.89 22.59 -33.06
C ASP A 178 9.30 21.54 -32.02
N LYS A 179 9.88 20.44 -32.49
CA LYS A 179 10.31 19.34 -31.61
C LYS A 179 11.75 18.93 -31.87
N GLU A 180 12.45 18.54 -30.80
CA GLU A 180 13.86 18.13 -30.90
C GLU A 180 14.11 16.86 -30.10
N PHE A 181 14.96 15.98 -30.64
CA PHE A 181 15.28 14.70 -29.98
C PHE A 181 16.75 14.31 -30.09
N TYR A 182 17.11 13.31 -29.30
CA TYR A 182 18.51 12.88 -29.12
C TYR A 182 18.59 11.36 -29.20
N ILE A 183 19.35 10.87 -30.19
CA ILE A 183 19.51 9.44 -30.40
C ILE A 183 20.99 9.07 -30.51
N GLY A 184 21.41 8.10 -29.71
CA GLY A 184 22.73 7.48 -29.84
C GLY A 184 22.63 6.04 -30.26
N GLN A 185 23.27 5.71 -31.39
CA GLN A 185 23.37 4.32 -31.85
C GLN A 185 24.67 3.65 -31.38
N GLY A 186 24.59 2.35 -31.09
CA GLY A 186 25.75 1.55 -30.73
C GLY A 186 25.55 0.07 -31.01
N GLU A 187 26.67 -0.65 -31.11
CA GLU A 187 26.67 -2.11 -31.28
C GLU A 187 27.38 -2.76 -30.10
N TRP A 188 26.99 -4.00 -29.80
CA TRP A 188 27.45 -4.71 -28.59
C TRP A 188 27.91 -6.13 -28.88
N TYR A 189 28.99 -6.51 -28.23
CA TYR A 189 29.54 -7.84 -28.33
C TYR A 189 29.49 -8.36 -26.91
N ILE A 190 28.77 -9.46 -26.70
CA ILE A 190 28.52 -9.94 -25.33
C ILE A 190 29.11 -11.33 -25.04
N LYS A 191 29.70 -11.45 -23.87
CA LYS A 191 30.36 -12.66 -23.42
C LYS A 191 29.67 -13.03 -22.12
N PRO A 192 29.20 -14.28 -21.96
CA PRO A 192 28.50 -14.55 -20.70
C PRO A 192 29.48 -14.60 -19.56
N GLY A 193 29.05 -14.08 -18.41
CA GLY A 193 29.89 -13.97 -17.23
C GLY A 193 30.56 -12.61 -17.22
N ILE A 194 30.55 -11.98 -16.05
CA ILE A 194 31.36 -10.81 -15.77
C ILE A 194 32.54 -11.22 -14.90
N GLU A 195 33.72 -10.76 -15.28
CA GLU A 195 34.93 -11.09 -14.56
C GLU A 195 34.77 -10.68 -13.11
N ASP A 196 34.25 -9.48 -12.88
CA ASP A 196 33.97 -8.97 -11.55
C ASP A 196 32.50 -9.34 -11.32
N HIS A 197 32.02 -9.27 -10.08
CA HIS A 197 30.62 -9.57 -9.79
C HIS A 197 30.23 -10.97 -10.33
N PRO A 198 31.03 -12.01 -10.02
CA PRO A 198 30.67 -13.32 -10.59
C PRO A 198 29.30 -13.85 -10.16
N HIS A 199 28.80 -13.37 -9.02
CA HIS A 199 27.48 -13.72 -8.54
C HIS A 199 26.40 -13.36 -9.53
N ILE A 200 26.57 -12.25 -10.23
CA ILE A 200 25.58 -11.76 -11.20
C ILE A 200 25.59 -12.72 -12.37
N ARG A 201 24.42 -13.12 -12.83
CA ARG A 201 24.32 -13.88 -14.08
C ARG A 201 24.08 -12.91 -15.21
N GLY A 202 25.14 -12.46 -15.88
CA GLY A 202 24.98 -11.64 -17.03
C GLY A 202 26.28 -11.53 -17.83
N TYR A 203 26.23 -10.69 -18.83
CA TYR A 203 27.20 -10.76 -19.89
C TYR A 203 28.22 -9.66 -19.70
N SER A 204 29.43 -9.91 -20.18
CA SER A 204 30.50 -8.93 -20.21
C SER A 204 31.02 -8.76 -21.62
N LEU A 205 31.82 -7.72 -21.81
CA LEU A 205 32.40 -7.43 -23.13
C LEU A 205 33.17 -8.61 -23.68
N ASP A 206 33.04 -8.85 -24.97
CA ASP A 206 33.79 -9.88 -25.66
C ASP A 206 34.85 -9.22 -26.55
N GLU A 207 36.11 -9.37 -26.15
CA GLU A 207 37.26 -8.86 -26.92
C GLU A 207 37.27 -9.41 -28.34
N ASP A 208 37.10 -10.73 -28.46
CA ASP A 208 37.22 -11.41 -29.75
C ASP A 208 36.18 -10.94 -30.74
N LYS A 209 34.91 -11.09 -30.39
CA LYS A 209 33.79 -10.58 -31.19
C LYS A 209 33.94 -9.09 -31.51
N ALA A 210 34.37 -8.31 -30.52
CA ALA A 210 34.64 -6.88 -30.70
C ALA A 210 35.76 -6.60 -31.69
N LEU A 211 36.89 -7.28 -31.53
CA LEU A 211 38.04 -7.14 -32.45
C LEU A 211 37.70 -7.55 -33.88
N ALA A 212 36.85 -8.56 -34.02
CA ALA A 212 36.39 -9.04 -35.33
C ALA A 212 35.22 -8.24 -35.92
N GLU A 213 34.73 -7.24 -35.19
CA GLU A 213 33.60 -6.39 -35.62
C GLU A 213 32.34 -7.20 -35.98
N HIS A 214 32.04 -8.22 -35.18
CA HIS A 214 30.85 -9.06 -35.37
C HIS A 214 29.91 -8.94 -34.15
N PRO A 215 29.10 -7.85 -34.11
CA PRO A 215 28.22 -7.61 -32.97
C PRO A 215 27.01 -8.52 -32.96
N ASP A 216 26.47 -8.71 -31.77
CA ASP A 216 25.30 -9.55 -31.55
C ASP A 216 24.04 -8.72 -31.59
N TYR A 217 24.04 -7.63 -30.81
CA TYR A 217 22.91 -6.71 -30.74
C TYR A 217 23.31 -5.31 -31.17
N PHE A 218 22.31 -4.55 -31.60
CA PHE A 218 22.45 -3.14 -31.93
C PHE A 218 21.47 -2.41 -31.05
N THR A 219 21.82 -1.23 -30.57
CA THR A 219 20.91 -0.51 -29.68
C THR A 219 20.74 0.95 -30.02
N PHE A 220 19.52 1.44 -29.82
CA PHE A 220 19.22 2.85 -29.92
C PHE A 220 18.96 3.31 -28.50
N ASN A 221 19.73 4.28 -28.05
CA ASN A 221 19.56 4.83 -26.71
C ASN A 221 19.70 3.79 -25.59
N GLY A 222 20.65 2.86 -25.74
CA GLY A 222 21.04 1.93 -24.68
C GLY A 222 20.24 0.65 -24.46
N HIS A 223 19.22 0.39 -25.27
CA HIS A 223 18.41 -0.82 -25.10
C HIS A 223 17.95 -1.33 -26.47
N THR A 224 17.81 -2.64 -26.60
CA THR A 224 17.44 -3.16 -27.91
C THR A 224 16.01 -2.77 -28.25
N GLN A 225 15.11 -2.88 -27.26
CA GLN A 225 13.73 -2.45 -27.43
C GLN A 225 13.44 -1.00 -27.07
N ALA A 226 14.46 -0.23 -26.70
CA ALA A 226 14.24 1.19 -26.39
C ALA A 226 13.79 1.86 -27.67
N LEU A 227 12.76 2.69 -27.55
CA LEU A 227 12.15 3.38 -28.71
C LEU A 227 11.21 2.46 -29.46
N MET A 228 11.15 1.20 -29.03
CA MET A 228 10.22 0.24 -29.56
C MET A 228 9.23 -0.24 -28.52
N ASP A 229 9.53 -0.04 -27.25
CA ASP A 229 8.68 -0.52 -26.17
C ASP A 229 7.96 0.65 -25.51
N PRO A 230 6.59 0.58 -25.38
CA PRO A 230 5.96 1.73 -24.73
C PRO A 230 6.49 1.97 -23.34
N SER A 231 6.75 0.90 -22.60
CA SER A 231 7.29 1.08 -21.26
C SER A 231 8.67 1.77 -21.27
N ILE A 232 9.52 1.41 -22.22
CA ILE A 232 10.88 1.95 -22.26
C ILE A 232 10.99 3.02 -23.35
N TYR A 233 10.34 4.15 -23.17
CA TYR A 233 10.40 5.25 -24.15
C TYR A 233 9.90 4.90 -25.57
N GLY A 234 8.99 3.95 -25.68
CA GLY A 234 8.50 3.53 -27.00
C GLY A 234 7.72 4.57 -27.75
N ASN A 235 6.94 5.36 -27.03
CA ASN A 235 6.18 6.45 -27.63
C ASN A 235 6.81 7.78 -27.27
N ALA A 236 8.09 7.74 -26.92
CA ALA A 236 8.73 8.91 -26.33
C ALA A 236 8.91 9.99 -27.38
N ILE A 237 9.29 9.57 -28.58
CA ILE A 237 9.52 10.48 -29.68
C ILE A 237 8.22 10.57 -30.46
N THR A 238 7.40 11.56 -30.11
CA THR A 238 6.14 11.80 -30.79
C THR A 238 6.00 13.27 -31.16
N VAL A 239 5.54 13.53 -32.38
CA VAL A 239 5.40 14.90 -32.86
C VAL A 239 4.09 15.07 -33.60
N ASN A 240 3.57 16.32 -33.58
CA ASN A 240 2.35 16.67 -34.33
C ASN A 240 2.65 16.88 -35.82
N GLN A 241 1.70 16.50 -36.66
CA GLN A 241 1.84 16.60 -38.10
C GLN A 241 2.08 18.05 -38.50
N GLY A 242 2.95 18.24 -39.49
CA GLY A 242 3.34 19.55 -39.96
C GLY A 242 4.41 20.23 -39.11
N ASP A 243 4.91 19.53 -38.10
CA ASP A 243 5.93 20.10 -37.24
C ASP A 243 7.28 19.96 -37.92
N LYS A 244 8.15 20.93 -37.64
CA LYS A 244 9.58 20.80 -37.93
C LYS A 244 10.25 20.05 -36.79
N VAL A 245 11.06 19.05 -37.15
CA VAL A 245 11.75 18.21 -36.17
C VAL A 245 13.26 18.30 -36.40
N ARG A 246 14.02 18.37 -35.31
CA ARG A 246 15.48 18.31 -35.34
C ARG A 246 15.94 17.13 -34.52
N LEU A 247 16.94 16.42 -35.02
CA LEU A 247 17.46 15.24 -34.35
C LEU A 247 18.97 15.35 -34.14
N PHE A 248 19.38 15.33 -32.88
CA PHE A 248 20.80 15.28 -32.52
C PHE A 248 21.20 13.82 -32.43
N PHE A 249 22.09 13.39 -33.32
CA PHE A 249 22.43 11.97 -33.46
C PHE A 249 23.90 11.70 -33.21
N VAL A 250 24.20 10.65 -32.44
CA VAL A 250 25.57 10.19 -32.22
C VAL A 250 25.71 8.74 -32.64
N ALA A 251 26.88 8.41 -33.17
CA ALA A 251 27.24 7.03 -33.46
C ALA A 251 28.36 6.64 -32.51
N GLY A 252 27.99 6.04 -31.38
CA GLY A 252 28.96 5.61 -30.38
C GLY A 252 29.84 4.49 -30.86
N GLY A 253 29.28 3.60 -31.68
CA GLY A 253 30.01 2.47 -32.22
C GLY A 253 30.11 1.38 -31.15
N PRO A 254 31.33 1.02 -30.72
CA PRO A 254 32.59 1.68 -31.08
C PRO A 254 33.22 1.31 -32.42
N ASN A 255 32.57 0.45 -33.21
CA ASN A 255 33.11 0.03 -34.52
C ASN A 255 32.22 0.29 -35.72
N ILE A 256 30.90 0.24 -35.54
CA ILE A 256 30.00 0.29 -36.68
C ILE A 256 29.27 1.65 -36.76
N GLY A 257 29.37 2.28 -37.93
CA GLY A 257 28.70 3.55 -38.19
C GLY A 257 27.23 3.27 -38.42
N SER A 258 26.44 4.31 -38.61
CA SER A 258 25.01 4.12 -38.78
C SER A 258 24.53 4.71 -40.09
N ASN A 259 23.93 3.86 -40.90
CA ASN A 259 23.31 4.30 -42.17
C ASN A 259 21.94 4.76 -41.74
N PHE A 260 21.93 5.87 -41.02
CA PHE A 260 20.71 6.37 -40.39
C PHE A 260 19.66 6.80 -41.41
N HIS A 261 18.41 6.46 -41.12
CA HIS A 261 17.27 6.76 -41.98
C HIS A 261 15.98 6.54 -41.20
N ILE A 262 14.98 7.37 -41.46
CA ILE A 262 13.68 7.20 -40.82
C ILE A 262 12.68 6.94 -41.92
N ILE A 263 11.92 5.85 -41.80
CA ILE A 263 10.96 5.45 -42.84
C ILE A 263 9.87 6.49 -43.01
N GLY A 264 9.52 6.77 -44.27
CA GLY A 264 8.52 7.75 -44.60
C GLY A 264 8.95 9.17 -44.31
N GLN A 265 10.26 9.38 -44.17
CA GLN A 265 10.79 10.71 -43.86
C GLN A 265 11.95 11.09 -44.78
N ILE A 266 12.05 12.38 -45.07
CA ILE A 266 13.12 12.93 -45.88
C ILE A 266 13.82 14.01 -45.07
N PHE A 267 15.15 13.97 -45.04
CA PHE A 267 15.91 14.97 -44.29
C PHE A 267 16.10 16.21 -45.14
N ASP A 268 15.44 17.29 -44.76
CA ASP A 268 15.55 18.56 -45.47
C ASP A 268 16.94 19.15 -45.32
N LYS A 269 17.54 18.95 -44.15
CA LYS A 269 18.90 19.42 -43.89
C LYS A 269 19.69 18.35 -43.13
N PHE A 270 20.94 18.16 -43.54
CA PHE A 270 21.85 17.25 -42.86
C PHE A 270 23.23 17.88 -42.76
N TYR A 271 23.70 18.15 -41.54
CA TYR A 271 25.05 18.70 -41.37
C TYR A 271 25.85 17.87 -40.34
N PRO A 272 26.97 17.23 -40.78
CA PRO A 272 27.70 16.56 -39.72
C PRO A 272 28.42 17.49 -38.73
N GLY A 273 28.96 18.62 -39.21
CA GLY A 273 29.82 19.45 -38.40
C GLY A 273 29.48 20.94 -38.31
N HIS A 274 29.35 21.57 -39.47
CA HIS A 274 28.92 22.97 -39.55
C HIS A 274 27.51 23.15 -40.10
N ARG A 275 26.79 24.09 -39.52
CA ARG A 275 25.43 24.39 -39.95
C ARG A 275 25.37 24.80 -41.41
N ARG A 276 26.32 25.64 -41.82
CA ARG A 276 26.40 26.10 -43.21
C ARG A 276 26.66 25.03 -44.25
N ASP A 277 27.48 24.05 -43.93
CA ASP A 277 27.82 22.97 -44.87
C ASP A 277 26.85 21.81 -44.62
N PHE A 278 25.94 21.59 -45.57
CA PHE A 278 24.95 20.53 -45.44
C PHE A 278 24.45 20.09 -46.80
N ILE A 279 23.84 18.91 -46.84
CA ILE A 279 23.19 18.43 -48.06
C ILE A 279 21.68 18.46 -47.85
N ARG A 280 20.94 18.89 -48.86
CA ARG A 280 19.49 18.95 -48.82
C ARG A 280 18.89 17.67 -49.37
N ASN A 281 17.81 17.21 -48.75
CA ASN A 281 17.03 16.06 -49.22
C ASN A 281 17.75 14.70 -49.17
N GLU A 282 18.45 14.43 -48.06
CA GLU A 282 19.10 13.14 -47.89
C GLU A 282 18.09 12.14 -47.36
N GLU A 283 18.20 10.90 -47.83
CA GLU A 283 17.32 9.81 -47.40
C GLU A 283 17.99 8.96 -46.32
N THR A 284 19.25 8.60 -46.55
CA THR A 284 20.05 7.82 -45.61
C THR A 284 21.44 8.46 -45.56
N ALA A 285 21.90 8.79 -44.35
CA ALA A 285 23.22 9.43 -44.16
C ALA A 285 24.13 8.51 -43.37
N TYR A 286 25.34 8.28 -43.87
CA TYR A 286 26.33 7.47 -43.15
C TYR A 286 27.01 8.30 -42.06
N ILE A 287 26.73 7.93 -40.80
CA ILE A 287 27.36 8.55 -39.64
C ILE A 287 28.47 7.62 -39.14
N PRO A 288 29.74 7.99 -39.36
CA PRO A 288 30.82 7.09 -38.93
C PRO A 288 30.91 6.96 -37.41
N PRO A 289 31.42 5.81 -36.91
CA PRO A 289 31.57 5.70 -35.45
C PRO A 289 32.45 6.82 -34.93
N GLY A 290 32.14 7.29 -33.74
CA GLY A 290 32.84 8.42 -33.14
C GLY A 290 32.56 9.73 -33.83
N SER A 291 31.30 9.93 -34.20
CA SER A 291 30.88 11.16 -34.84
C SER A 291 29.43 11.44 -34.51
N ALA A 292 29.10 12.72 -34.46
CA ALA A 292 27.75 13.18 -34.24
C ALA A 292 27.34 14.15 -35.34
N ALA A 293 26.03 14.25 -35.55
CA ALA A 293 25.46 15.03 -36.63
C ALA A 293 24.04 15.51 -36.32
N VAL A 294 23.51 16.38 -37.18
CA VAL A 294 22.19 16.99 -37.00
C VAL A 294 21.34 16.68 -38.23
N PHE A 295 20.14 16.17 -37.99
CA PHE A 295 19.15 15.89 -39.03
C PHE A 295 17.96 16.82 -38.82
N GLU A 296 17.39 17.30 -39.92
CA GLU A 296 16.20 18.16 -39.87
C GLU A 296 15.18 17.72 -40.92
N PHE A 297 13.92 17.59 -40.48
CA PHE A 297 12.85 17.12 -41.36
C PHE A 297 11.47 17.57 -40.87
N LYS A 298 10.55 17.79 -41.82
CA LYS A 298 9.17 18.13 -41.50
C LYS A 298 8.34 16.86 -41.43
N ALA A 299 7.51 16.75 -40.39
CA ALA A 299 6.63 15.58 -40.18
C ALA A 299 5.31 15.75 -40.94
N LEU A 300 5.38 15.75 -42.26
CA LEU A 300 4.21 16.02 -43.11
C LEU A 300 3.23 14.86 -43.21
N ALA A 301 3.65 13.66 -42.80
CA ALA A 301 2.79 12.46 -42.83
C ALA A 301 2.52 11.92 -41.42
N THR A 302 1.26 11.54 -41.17
CA THR A 302 0.81 11.05 -39.86
C THR A 302 1.06 9.55 -39.75
N GLY A 303 0.94 9.03 -38.53
CA GLY A 303 1.07 7.59 -38.25
C GLY A 303 2.41 7.20 -37.67
N ASP A 304 2.65 5.88 -37.65
CA ASP A 304 3.88 5.32 -37.10
C ASP A 304 4.92 5.17 -38.19
N PHE A 305 6.18 5.39 -37.84
CA PHE A 305 7.30 5.31 -38.78
C PHE A 305 8.52 4.71 -38.10
N LEU A 306 9.18 3.77 -38.78
CA LEU A 306 10.28 3.02 -38.20
C LEU A 306 11.63 3.72 -38.40
N ILE A 307 12.30 4.03 -37.28
CA ILE A 307 13.63 4.63 -37.29
C ILE A 307 14.61 3.49 -37.30
N VAL A 308 15.52 3.47 -38.27
CA VAL A 308 16.43 2.34 -38.39
C VAL A 308 17.73 2.67 -39.09
N ASP A 309 18.78 1.91 -38.78
CA ASP A 309 19.96 1.85 -39.61
C ASP A 309 19.50 1.15 -40.87
N HIS A 310 19.96 1.57 -42.04
CA HIS A 310 19.45 0.94 -43.27
C HIS A 310 20.19 -0.34 -43.66
N ALA A 311 21.19 -0.75 -42.89
CA ALA A 311 21.68 -2.12 -42.94
C ALA A 311 20.57 -2.90 -42.26
N LEU A 312 19.64 -3.40 -43.06
CA LEU A 312 18.34 -3.83 -42.53
C LEU A 312 18.35 -5.02 -41.58
N PHE A 313 19.22 -6.00 -41.81
CA PHE A 313 19.35 -7.10 -40.86
C PHE A 313 19.85 -6.61 -39.51
N ARG A 314 20.43 -5.41 -39.48
CA ARG A 314 20.74 -4.75 -38.23
C ARG A 314 19.51 -4.44 -37.41
N VAL A 315 18.41 -4.13 -38.09
CA VAL A 315 17.16 -3.78 -37.43
C VAL A 315 16.65 -4.92 -36.55
N PRO A 316 16.65 -6.18 -37.06
CA PRO A 316 16.23 -7.27 -36.16
C PRO A 316 17.09 -7.36 -34.92
N LYS A 317 18.39 -7.07 -35.08
CA LYS A 317 19.35 -7.03 -33.98
C LYS A 317 19.16 -5.87 -33.00
N GLY A 318 18.25 -4.94 -33.31
CA GLY A 318 17.85 -3.88 -32.38
C GLY A 318 17.99 -2.49 -32.95
N ALA A 319 18.58 -2.35 -34.13
CA ALA A 319 18.67 -1.04 -34.80
C ALA A 319 17.29 -0.66 -35.34
N GLY A 320 16.36 -0.47 -34.42
CA GLY A 320 14.96 -0.26 -34.74
C GLY A 320 14.30 0.62 -33.70
N GLY A 321 13.69 1.70 -34.15
CA GLY A 321 13.01 2.66 -33.30
C GLY A 321 11.65 3.00 -33.86
N LEU A 322 10.97 3.96 -33.24
CA LEU A 322 9.60 4.28 -33.61
C LEU A 322 9.32 5.78 -33.45
N LEU A 323 8.90 6.41 -34.55
CA LEU A 323 8.52 7.82 -34.58
C LEU A 323 7.00 7.92 -34.78
N HIS A 324 6.34 8.73 -33.96
CA HIS A 324 4.88 8.88 -34.03
C HIS A 324 4.50 10.30 -34.47
N VAL A 325 3.59 10.37 -35.44
CA VAL A 325 3.09 11.64 -35.96
C VAL A 325 1.56 11.66 -35.87
N LYS A 326 1.04 12.68 -35.17
CA LYS A 326 -0.40 12.81 -34.89
C LYS A 326 -1.02 13.97 -35.67
N MET B 21 -1.99 -12.48 -32.01
CA MET B 21 -0.86 -12.84 -31.08
C MET B 21 -0.63 -11.86 -29.93
N VAL B 22 -0.20 -12.40 -28.80
CA VAL B 22 -0.02 -11.59 -27.60
C VAL B 22 1.17 -10.64 -27.71
N ASP B 23 1.06 -9.51 -27.04
CA ASP B 23 2.12 -8.52 -26.92
C ASP B 23 2.93 -8.77 -25.64
N VAL B 24 4.25 -8.58 -25.71
CA VAL B 24 5.13 -8.81 -24.57
C VAL B 24 5.99 -7.58 -24.40
N ILE B 25 5.81 -6.87 -23.29
CA ILE B 25 6.52 -5.60 -23.03
C ILE B 25 7.29 -5.74 -21.71
N SER B 26 8.24 -4.83 -21.47
CA SER B 26 9.06 -4.86 -20.25
C SER B 26 8.26 -4.76 -18.95
N ASN B 27 7.34 -3.80 -18.85
CA ASN B 27 6.56 -3.60 -17.63
C ASN B 27 5.29 -2.78 -17.84
N VAL B 28 4.37 -2.91 -16.89
CA VAL B 28 3.08 -2.19 -16.90
C VAL B 28 3.07 -1.08 -15.85
N ALA B 29 4.24 -0.71 -15.34
CA ALA B 29 4.31 0.29 -14.30
C ALA B 29 3.63 1.58 -14.74
N LYS B 30 2.88 2.19 -13.82
CA LYS B 30 2.17 3.45 -14.06
C LYS B 30 2.98 4.61 -13.50
N ASP B 31 3.20 5.64 -14.33
CA ASP B 31 3.90 6.85 -13.89
C ASP B 31 3.03 7.50 -12.83
N PRO B 32 3.58 7.74 -11.61
CA PRO B 32 2.75 8.42 -10.62
C PRO B 32 2.68 9.94 -10.81
N ALA B 33 3.06 10.44 -11.98
CA ALA B 33 2.89 11.85 -12.33
C ALA B 33 1.95 12.09 -13.53
N ASP B 34 1.62 11.04 -14.27
CA ASP B 34 0.65 11.11 -15.37
C ASP B 34 -0.73 11.38 -14.74
N ILE B 35 -0.96 12.63 -14.36
CA ILE B 35 -2.18 13.03 -13.65
C ILE B 35 -2.87 14.15 -14.43
N PRO B 36 -4.21 14.05 -14.58
CA PRO B 36 -4.93 15.19 -15.14
C PRO B 36 -4.71 16.48 -14.35
N GLY B 37 -5.04 17.61 -14.97
CA GLY B 37 -4.82 18.92 -14.38
C GLY B 37 -5.76 19.22 -13.23
N ARG B 38 -5.29 20.08 -12.31
CA ARG B 38 -6.08 20.53 -11.14
C ARG B 38 -7.36 21.24 -11.58
N ILE B 39 -8.38 21.17 -10.73
CA ILE B 39 -9.70 21.71 -11.03
C ILE B 39 -9.86 23.01 -10.24
N SER B 40 -10.19 24.10 -10.94
CA SER B 40 -10.41 25.41 -10.33
C SER B 40 -11.73 26.04 -10.79
N ARG B 41 -12.69 25.19 -11.15
CA ARG B 41 -13.96 25.63 -11.74
C ARG B 41 -15.14 25.16 -10.88
N SER B 42 -16.24 25.89 -10.96
CA SER B 42 -17.51 25.49 -10.34
C SER B 42 -18.60 25.13 -11.36
N CYS B 43 -18.38 25.47 -12.63
CA CYS B 43 -19.30 25.12 -13.71
C CYS B 43 -19.27 23.62 -14.02
N PRO B 44 -20.38 22.92 -13.76
CA PRO B 44 -20.38 21.52 -14.19
C PRO B 44 -20.12 21.37 -15.69
N LYS B 45 -19.60 20.22 -16.06
CA LYS B 45 -19.22 19.92 -17.44
C LYS B 45 -19.38 18.44 -17.72
N THR B 46 -19.28 18.07 -18.99
CA THR B 46 -19.29 16.66 -19.40
C THR B 46 -17.85 16.22 -19.68
N VAL B 47 -17.21 15.66 -18.66
CA VAL B 47 -15.84 15.17 -18.77
C VAL B 47 -15.91 13.78 -19.39
N THR B 48 -14.99 13.51 -20.33
CA THR B 48 -15.04 12.29 -21.12
C THR B 48 -13.63 11.67 -21.25
N VAL B 49 -13.54 10.36 -21.00
CA VAL B 49 -12.28 9.62 -21.08
C VAL B 49 -12.43 8.35 -21.91
N ASN B 50 -11.40 8.05 -22.70
CA ASN B 50 -11.38 6.88 -23.58
C ASN B 50 -10.44 5.82 -23.01
N LEU B 51 -11.00 4.68 -22.63
CA LEU B 51 -10.24 3.55 -22.11
C LEU B 51 -10.26 2.33 -23.04
N VAL B 52 -9.19 1.55 -22.98
CA VAL B 52 -9.04 0.34 -23.78
C VAL B 52 -8.43 -0.79 -22.92
N ALA B 53 -9.22 -1.85 -22.72
CA ALA B 53 -8.77 -3.03 -21.96
C ALA B 53 -7.71 -3.79 -22.73
N LYS B 54 -6.53 -3.96 -22.13
CA LYS B 54 -5.35 -4.52 -22.80
C LYS B 54 -4.75 -5.69 -22.03
N GLU B 55 -4.87 -6.90 -22.57
CA GLU B 55 -4.18 -8.05 -22.01
C GLU B 55 -2.74 -8.03 -22.51
N VAL B 56 -1.78 -8.16 -21.60
CA VAL B 56 -0.37 -7.98 -21.91
C VAL B 56 0.48 -8.93 -21.06
N VAL B 57 1.61 -9.35 -21.60
CA VAL B 57 2.63 -10.02 -20.80
C VAL B 57 3.74 -9.03 -20.49
N ALA B 58 4.20 -9.03 -19.25
CA ALA B 58 5.27 -8.15 -18.82
C ALA B 58 5.88 -8.60 -17.51
N ASP B 59 6.97 -7.96 -17.10
CA ASP B 59 7.61 -8.28 -15.82
C ASP B 59 6.76 -7.77 -14.66
N LEU B 60 6.33 -8.69 -13.79
CA LEU B 60 5.73 -8.31 -12.52
C LEU B 60 6.88 -7.97 -11.58
N ALA B 61 7.78 -8.93 -11.42
CA ALA B 61 9.01 -8.74 -10.66
C ALA B 61 10.17 -8.88 -11.64
N PRO B 62 11.40 -8.49 -11.23
CA PRO B 62 12.56 -8.75 -12.07
C PRO B 62 12.74 -10.25 -12.36
N GLY B 63 12.79 -10.61 -13.64
CA GLY B 63 12.93 -12.00 -14.07
C GLY B 63 11.65 -12.83 -14.11
N LYS B 64 10.52 -12.24 -13.72
CA LYS B 64 9.24 -12.94 -13.67
C LYS B 64 8.26 -12.26 -14.63
N LYS B 65 7.92 -12.94 -15.73
CA LYS B 65 6.93 -12.43 -16.69
C LYS B 65 5.53 -12.83 -16.24
N PHE B 66 4.63 -11.87 -16.19
CA PHE B 66 3.25 -12.10 -15.77
C PHE B 66 2.27 -11.67 -16.85
N TRP B 67 1.13 -12.36 -16.89
CA TRP B 67 0.05 -12.05 -17.83
C TRP B 67 -0.90 -11.03 -17.22
N PHE B 68 -0.81 -9.78 -17.67
CA PHE B 68 -1.61 -8.69 -17.11
C PHE B 68 -2.88 -8.42 -17.89
N TRP B 69 -3.88 -7.93 -17.16
CA TRP B 69 -5.11 -7.42 -17.71
C TRP B 69 -5.10 -6.00 -17.20
N THR B 70 -5.00 -5.03 -18.10
CA THR B 70 -4.81 -3.64 -17.67
C THR B 70 -5.76 -2.72 -18.39
N PHE B 71 -5.79 -1.48 -17.93
CA PHE B 71 -6.51 -0.40 -18.58
C PHE B 71 -5.49 0.55 -19.17
N ALA B 72 -5.81 1.11 -20.34
CA ALA B 72 -4.95 2.11 -20.98
C ALA B 72 -5.80 3.29 -21.42
N GLU B 73 -5.23 4.48 -21.39
CA GLU B 73 -5.96 5.71 -21.74
C GLU B 73 -5.67 6.11 -23.19
N LYS B 74 -6.73 6.29 -23.97
CA LYS B 74 -6.60 6.68 -25.37
C LYS B 74 -6.84 8.18 -25.52
N LYS B 75 -5.80 8.90 -25.95
CA LYS B 75 -5.91 10.32 -26.26
C LYS B 75 -5.91 10.50 -27.77
N GLY B 76 -6.98 11.10 -28.29
CA GLY B 76 -7.09 11.30 -29.72
C GLY B 76 -7.07 9.94 -30.37
N ASP B 77 -6.23 9.77 -31.36
CA ASP B 77 -6.09 8.48 -32.06
C ASP B 77 -5.07 7.57 -31.41
N THR B 78 -4.23 8.12 -30.53
CA THR B 78 -3.18 7.37 -29.87
C THR B 78 -3.60 6.71 -28.54
N VAL B 79 -3.12 5.49 -28.33
CA VAL B 79 -3.43 4.76 -27.12
C VAL B 79 -2.18 4.30 -26.37
N GLY B 80 -2.39 3.73 -25.18
CA GLY B 80 -1.32 3.21 -24.35
C GLY B 80 -0.65 4.32 -23.56
N PRO B 81 0.27 3.98 -22.66
CA PRO B 81 0.67 2.61 -22.38
C PRO B 81 -0.32 1.90 -21.48
N ALA B 82 -0.15 0.58 -21.38
CA ALA B 82 -0.96 -0.28 -20.50
C ALA B 82 -0.33 -0.30 -19.12
N THR B 83 -1.12 -0.02 -18.07
CA THR B 83 -0.56 0.13 -16.73
C THR B 83 -1.42 -0.43 -15.60
N VAL B 84 -0.75 -0.60 -14.44
CA VAL B 84 -1.39 -1.00 -13.19
C VAL B 84 -0.82 -0.08 -12.08
N PRO B 85 -1.65 0.72 -11.39
CA PRO B 85 -3.08 0.85 -11.63
C PRO B 85 -3.38 1.53 -12.96
N GLY B 86 -4.63 1.44 -13.39
CA GLY B 86 -5.09 2.06 -14.63
C GLY B 86 -4.98 3.58 -14.58
N PRO B 87 -5.42 4.26 -15.65
CA PRO B 87 -5.32 5.71 -15.71
C PRO B 87 -6.19 6.40 -14.68
N MET B 88 -5.67 7.48 -14.09
CA MET B 88 -6.45 8.25 -13.12
C MET B 88 -7.47 9.11 -13.84
N VAL B 89 -8.73 8.94 -13.45
CA VAL B 89 -9.83 9.79 -13.91
C VAL B 89 -10.00 10.90 -12.87
N ARG B 90 -10.38 12.09 -13.33
CA ARG B 90 -10.50 13.24 -12.45
C ARG B 90 -11.60 14.19 -12.92
N VAL B 91 -12.61 14.36 -12.07
CA VAL B 91 -13.79 15.15 -12.38
C VAL B 91 -14.20 16.02 -11.19
N MET B 92 -15.24 16.83 -11.39
CA MET B 92 -15.81 17.68 -10.35
C MET B 92 -17.22 17.17 -9.99
N GLU B 93 -17.65 17.43 -8.76
CA GLU B 93 -18.97 17.01 -8.29
C GLU B 93 -20.08 17.76 -9.02
N GLY B 94 -20.91 17.01 -9.73
CA GLY B 94 -21.97 17.59 -10.56
C GLY B 94 -21.68 17.49 -12.05
N ASP B 95 -20.44 17.15 -12.39
CA ASP B 95 -20.10 16.85 -13.78
C ASP B 95 -20.88 15.62 -14.27
N THR B 96 -20.85 15.44 -15.59
CA THR B 96 -21.39 14.26 -16.23
C THR B 96 -20.20 13.50 -16.80
N VAL B 97 -20.05 12.23 -16.42
CA VAL B 97 -18.83 11.49 -16.73
C VAL B 97 -19.12 10.44 -17.80
N VAL B 98 -18.33 10.49 -18.88
CA VAL B 98 -18.49 9.59 -20.02
C VAL B 98 -17.20 8.80 -20.21
N ILE B 99 -17.28 7.49 -20.02
CA ILE B 99 -16.14 6.61 -20.23
C ILE B 99 -16.46 5.70 -21.40
N ASN B 100 -15.70 5.83 -22.49
CA ASN B 100 -15.80 4.92 -23.63
C ASN B 100 -14.78 3.82 -23.39
N LEU B 101 -15.25 2.60 -23.13
CA LEU B 101 -14.36 1.45 -22.99
C LEU B 101 -14.30 0.66 -24.29
N THR B 102 -13.09 0.30 -24.68
CA THR B 102 -12.85 -0.59 -25.80
C THR B 102 -12.10 -1.83 -25.33
N ASN B 103 -12.52 -2.99 -25.83
CA ASN B 103 -11.83 -4.25 -25.56
C ASN B 103 -11.05 -4.61 -26.83
N ASP B 104 -9.72 -4.51 -26.76
CA ASP B 104 -8.84 -4.81 -27.91
C ASP B 104 -9.20 -6.13 -28.57
N LEU B 105 -8.90 -6.22 -29.87
CA LEU B 105 -9.24 -7.38 -30.69
C LEU B 105 -8.39 -8.60 -30.35
N HIS B 106 -7.16 -8.36 -29.89
CA HIS B 106 -6.22 -9.42 -29.56
C HIS B 106 -6.34 -9.92 -28.10
N ASN B 107 -7.38 -9.50 -27.39
CA ASN B 107 -7.70 -10.00 -26.04
C ASN B 107 -8.44 -11.35 -26.08
N GLU B 108 -8.47 -12.01 -24.94
CA GLU B 108 -9.09 -13.31 -24.77
C GLU B 108 -10.41 -13.12 -24.00
N GLU B 109 -10.30 -12.78 -22.72
CA GLU B 109 -11.48 -12.69 -21.85
C GLU B 109 -12.23 -11.38 -22.10
N PRO B 110 -13.56 -11.37 -21.91
CA PRO B 110 -14.34 -10.13 -22.03
C PRO B 110 -14.11 -9.23 -20.83
N HIS B 111 -14.50 -7.95 -20.94
CA HIS B 111 -14.27 -6.98 -19.86
C HIS B 111 -15.42 -5.96 -19.76
N ASN B 112 -15.37 -5.14 -18.70
CA ASN B 112 -16.36 -4.10 -18.44
C ASN B 112 -15.86 -3.15 -17.33
N LEU B 113 -16.61 -2.08 -17.08
CA LEU B 113 -16.28 -1.10 -16.03
C LEU B 113 -17.20 -1.20 -14.82
N ASP B 114 -16.70 -0.73 -13.69
CA ASP B 114 -17.47 -0.60 -12.45
C ASP B 114 -16.92 0.56 -11.64
N PHE B 115 -17.63 1.69 -11.65
CA PHE B 115 -17.15 2.87 -10.95
C PHE B 115 -17.84 2.99 -9.59
N HIS B 116 -17.03 3.03 -8.54
CA HIS B 116 -17.52 3.27 -7.17
C HIS B 116 -18.02 4.70 -6.97
N ALA B 117 -17.59 5.63 -7.84
CA ALA B 117 -18.01 7.03 -7.81
C ALA B 117 -19.45 7.30 -8.28
N GLY B 118 -20.09 6.30 -8.89
CA GLY B 118 -21.45 6.47 -9.44
C GLY B 118 -22.47 5.48 -8.94
N PHE B 119 -23.74 5.89 -9.01
CA PHE B 119 -24.86 5.05 -8.59
C PHE B 119 -25.26 4.13 -9.72
N GLY B 120 -25.07 2.83 -9.51
CA GLY B 120 -25.28 1.82 -10.55
C GLY B 120 -24.49 2.17 -11.79
N ALA B 121 -23.19 2.45 -11.60
CA ALA B 121 -22.29 2.84 -12.68
C ALA B 121 -21.44 1.64 -13.09
N MET B 122 -22.11 0.64 -13.67
CA MET B 122 -21.46 -0.55 -14.22
C MET B 122 -21.87 -0.70 -15.67
N LEU B 123 -20.91 -1.07 -16.52
CA LEU B 123 -21.19 -1.38 -17.92
C LEU B 123 -21.65 -2.82 -18.06
N MET B 124 -21.91 -3.23 -19.30
CA MET B 124 -22.15 -4.63 -19.61
C MET B 124 -20.94 -5.22 -20.34
N ASP B 125 -20.68 -6.49 -20.08
CA ASP B 125 -19.51 -7.18 -20.62
C ASP B 125 -19.41 -6.97 -22.12
N ILE B 126 -18.31 -6.35 -22.56
CA ILE B 126 -18.06 -6.11 -23.98
C ILE B 126 -17.05 -7.13 -24.50
N GLU B 127 -17.30 -7.66 -25.69
CA GLU B 127 -16.48 -8.74 -26.26
C GLU B 127 -15.24 -8.13 -26.93
N PRO B 128 -14.13 -8.91 -27.03
CA PRO B 128 -12.94 -8.36 -27.69
C PRO B 128 -13.26 -7.86 -29.10
N GLY B 129 -13.05 -6.55 -29.31
CA GLY B 129 -13.36 -5.89 -30.58
C GLY B 129 -14.45 -4.84 -30.44
N GLU B 130 -15.50 -5.18 -29.70
CA GLU B 130 -16.65 -4.27 -29.50
C GLU B 130 -16.26 -3.13 -28.54
N THR B 131 -16.99 -2.02 -28.62
CA THR B 131 -16.72 -0.83 -27.80
C THR B 131 -18.03 -0.23 -27.32
N ASP B 132 -18.15 -0.02 -26.01
CA ASP B 132 -19.35 0.60 -25.42
C ASP B 132 -18.98 1.83 -24.60
N THR B 133 -19.97 2.69 -24.38
CA THR B 133 -19.83 3.90 -23.59
C THR B 133 -20.62 3.83 -22.29
N LEU B 134 -19.97 4.24 -21.19
CA LEU B 134 -20.58 4.37 -19.88
C LEU B 134 -20.78 5.84 -19.52
N THR B 135 -22.03 6.25 -19.38
CA THR B 135 -22.37 7.60 -18.93
C THR B 135 -22.91 7.54 -17.50
N PHE B 136 -22.41 8.43 -16.63
CA PHE B 136 -22.93 8.56 -15.27
C PHE B 136 -22.64 9.96 -14.69
N LYS B 137 -23.49 10.39 -13.77
CA LYS B 137 -23.33 11.67 -13.07
C LYS B 137 -22.58 11.44 -11.75
N ALA B 138 -21.55 12.25 -11.50
CA ALA B 138 -20.77 12.17 -10.26
C ALA B 138 -21.36 13.14 -9.24
N LYS B 139 -22.26 12.64 -8.41
CA LYS B 139 -23.00 13.50 -7.45
C LYS B 139 -22.60 13.27 -5.99
N ARG B 140 -21.52 12.51 -5.77
CA ARG B 140 -20.90 12.39 -4.44
C ARG B 140 -19.39 12.54 -4.59
N GLU B 141 -18.83 13.54 -3.90
CA GLU B 141 -17.41 13.84 -3.96
C GLU B 141 -16.61 12.81 -3.18
N GLY B 142 -15.35 12.64 -3.58
CA GLY B 142 -14.41 11.75 -2.91
C GLY B 142 -13.48 11.03 -3.86
N ALA B 143 -12.54 10.31 -3.27
CA ALA B 143 -11.65 9.42 -4.01
C ALA B 143 -12.25 8.03 -4.03
N TYR B 144 -12.44 7.48 -5.22
CA TYR B 144 -13.01 6.14 -5.40
C TYR B 144 -12.16 5.25 -6.30
N ILE B 145 -12.40 3.94 -6.17
CA ILE B 145 -11.79 2.94 -7.06
C ILE B 145 -12.75 2.59 -8.18
N TYR B 146 -12.19 2.29 -9.36
CA TYR B 146 -12.94 1.68 -10.45
C TYR B 146 -12.22 0.42 -10.92
N HIS B 147 -12.96 -0.56 -11.44
CA HIS B 147 -12.36 -1.81 -11.87
C HIS B 147 -13.18 -2.62 -12.89
N CYS B 148 -12.56 -3.69 -13.39
CA CYS B 148 -13.20 -4.63 -14.29
C CYS B 148 -13.96 -5.69 -13.48
N GLY B 149 -15.27 -5.77 -13.69
CA GLY B 149 -16.12 -6.74 -12.97
C GLY B 149 -16.79 -7.78 -13.87
N ALA B 150 -16.21 -8.02 -15.04
CA ALA B 150 -16.85 -8.82 -16.09
C ALA B 150 -17.01 -10.30 -15.73
N GLU B 151 -17.97 -10.95 -16.39
CA GLU B 151 -18.41 -12.34 -16.20
C GLU B 151 -18.69 -12.70 -14.75
N GLY B 152 -19.18 -11.69 -14.03
CA GLY B 152 -19.55 -11.83 -12.63
C GLY B 152 -18.43 -12.30 -11.71
N MET B 153 -17.18 -12.12 -12.15
CA MET B 153 -16.02 -12.57 -11.40
C MET B 153 -15.07 -11.39 -11.17
N PRO B 154 -15.51 -10.41 -10.36
CA PRO B 154 -14.63 -9.26 -10.14
C PRO B 154 -13.29 -9.62 -9.50
N TRP B 155 -13.26 -10.69 -8.71
CA TRP B 155 -12.02 -11.19 -8.10
C TRP B 155 -10.94 -11.55 -9.12
N GLU B 156 -11.32 -12.26 -10.18
CA GLU B 156 -10.36 -12.72 -11.19
C GLU B 156 -9.85 -11.54 -12.01
N HIS B 157 -10.75 -10.64 -12.38
CA HIS B 157 -10.41 -9.48 -13.21
C HIS B 157 -9.54 -8.45 -12.50
N VAL B 158 -9.86 -8.17 -11.23
CA VAL B 158 -9.06 -7.24 -10.41
C VAL B 158 -7.69 -7.86 -10.13
N ALA B 159 -7.67 -9.15 -9.78
CA ALA B 159 -6.42 -9.90 -9.51
C ALA B 159 -5.36 -9.77 -10.60
N TYR B 160 -5.79 -9.68 -11.86
CA TYR B 160 -4.89 -9.50 -13.01
C TYR B 160 -4.46 -8.04 -13.27
N GLY B 161 -4.97 -7.09 -12.50
CA GLY B 161 -4.53 -5.70 -12.55
C GLY B 161 -5.51 -4.69 -13.13
N MET B 162 -6.77 -5.08 -13.32
CA MET B 162 -7.78 -4.19 -13.90
C MET B 162 -8.43 -3.31 -12.83
N TYR B 163 -7.66 -2.37 -12.30
CA TYR B 163 -8.17 -1.42 -11.30
C TYR B 163 -7.49 -0.06 -11.39
N GLY B 164 -8.28 1.01 -11.24
CA GLY B 164 -7.77 2.37 -11.23
C GLY B 164 -8.55 3.27 -10.29
N LEU B 165 -8.06 4.50 -10.13
CA LEU B 165 -8.61 5.48 -9.20
C LEU B 165 -9.35 6.57 -9.95
N ILE B 166 -10.55 6.91 -9.46
CA ILE B 166 -11.27 8.12 -9.88
C ILE B 166 -11.49 9.02 -8.66
N VAL B 167 -11.27 10.32 -8.85
CA VAL B 167 -11.54 11.30 -7.80
C VAL B 167 -12.60 12.28 -8.29
N VAL B 168 -13.62 12.49 -7.46
CA VAL B 168 -14.63 13.52 -7.70
C VAL B 168 -14.33 14.66 -6.72
N GLU B 169 -13.74 15.74 -7.24
CA GLU B 169 -13.43 16.90 -6.40
C GLU B 169 -14.69 17.71 -6.13
N PRO B 170 -14.73 18.44 -5.00
CA PRO B 170 -15.86 19.34 -4.80
C PRO B 170 -15.87 20.50 -5.78
N LYS B 171 -16.92 21.31 -5.74
CA LYS B 171 -17.01 22.49 -6.61
C LYS B 171 -15.97 23.49 -6.15
N GLY B 172 -15.17 23.96 -7.10
CA GLY B 172 -14.00 24.80 -6.81
C GLY B 172 -12.70 24.01 -6.79
N GLY B 173 -12.82 22.68 -6.63
CA GLY B 173 -11.68 21.80 -6.53
C GLY B 173 -11.12 21.75 -5.13
N LEU B 174 -10.26 20.76 -4.90
CA LEU B 174 -9.59 20.59 -3.62
C LEU B 174 -8.60 21.73 -3.46
N SER B 175 -8.21 22.01 -2.22
CA SER B 175 -7.21 23.05 -1.95
C SER B 175 -5.99 22.77 -2.80
N ARG B 176 -5.48 23.81 -3.46
CA ARG B 176 -4.34 23.66 -4.37
C ARG B 176 -3.07 23.25 -3.62
N VAL B 177 -2.28 22.39 -4.25
CA VAL B 177 -1.03 21.88 -3.69
C VAL B 177 0.12 22.07 -4.68
N ASP B 178 1.36 22.04 -4.20
CA ASP B 178 2.54 22.19 -5.06
C ASP B 178 2.73 20.99 -5.99
N LYS B 179 2.77 19.78 -5.42
CA LYS B 179 2.95 18.55 -6.19
C LYS B 179 1.88 17.50 -5.85
N GLU B 180 1.48 16.73 -6.85
CA GLU B 180 0.43 15.71 -6.69
C GLU B 180 0.84 14.41 -7.36
N PHE B 181 0.53 13.28 -6.72
CA PHE B 181 0.90 11.96 -7.25
C PHE B 181 -0.19 10.90 -7.07
N TYR B 182 0.00 9.79 -7.76
CA TYR B 182 -1.00 8.71 -7.86
C TYR B 182 -0.32 7.36 -7.64
N ILE B 183 -0.77 6.65 -6.59
CA ILE B 183 -0.20 5.34 -6.25
C ILE B 183 -1.32 4.32 -6.07
N GLY B 184 -1.19 3.20 -6.77
CA GLY B 184 -2.05 2.03 -6.56
C GLY B 184 -1.27 0.85 -6.00
N GLN B 185 -1.70 0.36 -4.83
CA GLN B 185 -1.11 -0.85 -4.24
C GLN B 185 -1.90 -2.09 -4.63
N GLY B 186 -1.19 -3.20 -4.81
CA GLY B 186 -1.80 -4.51 -5.05
C GLY B 186 -0.92 -5.67 -4.65
N GLU B 187 -1.53 -6.83 -4.46
CA GLU B 187 -0.83 -8.08 -4.16
C GLU B 187 -1.09 -9.11 -5.25
N TRP B 188 -0.14 -10.02 -5.43
CA TRP B 188 -0.16 -10.96 -6.57
C TRP B 188 0.13 -12.40 -6.14
N TYR B 189 -0.62 -13.32 -6.72
CA TYR B 189 -0.44 -14.73 -6.48
C TYR B 189 -0.11 -15.28 -7.86
N ILE B 190 1.06 -15.90 -7.99
CA ILE B 190 1.53 -16.33 -9.31
C ILE B 190 1.70 -17.85 -9.45
N LYS B 191 1.26 -18.35 -10.60
CA LYS B 191 1.31 -19.75 -10.94
C LYS B 191 2.14 -19.83 -12.21
N PRO B 192 3.21 -20.66 -12.27
CA PRO B 192 3.94 -20.68 -13.53
C PRO B 192 3.12 -21.32 -14.65
N GLY B 193 3.29 -20.78 -15.85
CA GLY B 193 2.59 -21.32 -17.02
C GLY B 193 1.21 -20.70 -17.13
N ILE B 194 0.98 -20.01 -18.25
CA ILE B 194 -0.29 -19.36 -18.64
C ILE B 194 -1.10 -20.37 -19.45
N GLU B 195 -2.39 -20.49 -19.11
CA GLU B 195 -3.25 -21.45 -19.77
C GLU B 195 -3.25 -21.14 -21.27
N ASP B 196 -3.37 -19.87 -21.61
CA ASP B 196 -3.32 -19.42 -22.99
C ASP B 196 -1.86 -19.05 -23.20
N HIS B 197 -1.42 -18.87 -24.45
CA HIS B 197 -0.05 -18.46 -24.71
C HIS B 197 0.96 -19.43 -24.05
N PRO B 198 0.81 -20.75 -24.27
CA PRO B 198 1.72 -21.67 -23.56
C PRO B 198 3.21 -21.49 -23.93
N HIS B 199 3.47 -20.93 -25.12
CA HIS B 199 4.81 -20.59 -25.56
C HIS B 199 5.56 -19.61 -24.64
N ILE B 200 4.83 -18.72 -23.97
CA ILE B 200 5.43 -17.65 -23.17
C ILE B 200 6.38 -18.01 -22.00
N ARG B 201 6.11 -19.01 -21.19
CA ARG B 201 7.03 -19.34 -20.08
C ARG B 201 7.12 -18.17 -19.10
N GLY B 202 5.96 -17.83 -18.57
CA GLY B 202 5.79 -16.82 -17.52
C GLY B 202 4.99 -17.30 -16.36
N TYR B 203 4.08 -16.47 -15.85
CA TYR B 203 3.20 -16.86 -14.75
C TYR B 203 1.77 -16.41 -14.98
N SER B 204 0.84 -17.20 -14.44
CA SER B 204 -0.58 -16.89 -14.46
C SER B 204 -1.16 -16.87 -13.05
N LEU B 205 -2.38 -16.35 -12.92
CA LEU B 205 -3.00 -16.31 -11.57
C LEU B 205 -2.90 -17.71 -10.91
N ASP B 206 -2.91 -17.73 -9.58
CA ASP B 206 -3.06 -18.93 -8.78
C ASP B 206 -4.30 -18.95 -7.85
N GLU B 207 -5.38 -19.55 -8.34
CA GLU B 207 -6.66 -19.54 -7.62
C GLU B 207 -6.46 -19.90 -6.15
N ASP B 208 -5.67 -20.94 -5.91
CA ASP B 208 -5.44 -21.46 -4.56
C ASP B 208 -4.78 -20.43 -3.66
N LYS B 209 -3.59 -19.98 -4.04
CA LYS B 209 -2.88 -18.92 -3.31
C LYS B 209 -3.75 -17.68 -3.10
N ALA B 210 -4.49 -17.31 -4.14
CA ALA B 210 -5.43 -16.19 -4.09
C ALA B 210 -6.56 -16.40 -3.11
N LEU B 211 -7.21 -17.56 -3.18
CA LEU B 211 -8.30 -17.92 -2.25
C LEU B 211 -7.83 -17.98 -0.79
N ALA B 212 -6.60 -18.42 -0.58
CA ALA B 212 -5.98 -18.50 0.75
C ALA B 212 -5.38 -17.17 1.24
N GLU B 213 -5.42 -16.13 0.41
CA GLU B 213 -4.86 -14.80 0.73
C GLU B 213 -3.38 -14.85 1.13
N HIS B 214 -2.60 -15.66 0.42
CA HIS B 214 -1.15 -15.79 0.65
C HIS B 214 -0.35 -15.33 -0.58
N PRO B 215 -0.18 -14.01 -0.75
CA PRO B 215 0.49 -13.47 -1.92
C PRO B 215 1.99 -13.66 -1.88
N ASP B 216 2.58 -13.66 -3.08
CA ASP B 216 4.01 -13.85 -3.24
C ASP B 216 4.69 -12.50 -3.31
N TYR B 217 4.18 -11.63 -4.17
CA TYR B 217 4.71 -10.28 -4.35
C TYR B 217 3.66 -9.22 -4.04
N PHE B 218 4.14 -8.04 -3.70
CA PHE B 218 3.33 -6.84 -3.50
C PHE B 218 3.87 -5.81 -4.47
N THR B 219 2.99 -5.00 -5.05
CA THR B 219 3.46 -4.02 -6.04
C THR B 219 2.88 -2.65 -5.83
N PHE B 220 3.72 -1.65 -6.11
CA PHE B 220 3.28 -0.26 -6.14
C PHE B 220 3.32 0.15 -7.60
N ASN B 221 2.18 0.58 -8.12
CA ASN B 221 2.10 1.01 -9.50
C ASN B 221 2.51 -0.08 -10.52
N GLY B 222 2.12 -1.32 -10.26
CA GLY B 222 2.26 -2.42 -11.24
C GLY B 222 3.58 -3.14 -11.37
N HIS B 223 4.58 -2.79 -10.55
CA HIS B 223 5.87 -3.47 -10.62
C HIS B 223 6.51 -3.57 -9.25
N THR B 224 7.28 -4.61 -9.03
CA THR B 224 7.87 -4.84 -7.72
C THR B 224 8.89 -3.75 -7.40
N GLN B 225 9.73 -3.45 -8.37
CA GLN B 225 10.70 -2.35 -8.26
C GLN B 225 10.26 -0.97 -8.72
N ALA B 226 9.01 -0.84 -9.17
CA ALA B 226 8.51 0.45 -9.63
C ALA B 226 8.54 1.37 -8.44
N LEU B 227 9.03 2.60 -8.66
CA LEU B 227 9.20 3.59 -7.61
C LEU B 227 10.48 3.32 -6.82
N MET B 228 11.13 2.20 -7.11
CA MET B 228 12.40 1.85 -6.49
C MET B 228 13.53 1.85 -7.50
N ASP B 229 13.20 1.77 -8.78
CA ASP B 229 14.21 1.69 -9.84
C ASP B 229 14.24 2.99 -10.67
N PRO B 230 15.43 3.63 -10.84
CA PRO B 230 15.45 4.85 -11.65
C PRO B 230 14.93 4.59 -13.05
N SER B 231 15.28 3.44 -13.60
CA SER B 231 14.79 3.04 -14.93
C SER B 231 13.26 2.89 -15.02
N ILE B 232 12.62 2.50 -13.92
CA ILE B 232 11.16 2.34 -13.89
C ILE B 232 10.48 3.29 -12.90
N TYR B 233 10.48 4.58 -13.19
CA TYR B 233 9.89 5.56 -12.30
C TYR B 233 10.45 5.52 -10.85
N GLY B 234 11.71 5.21 -10.70
CA GLY B 234 12.36 5.21 -9.37
C GLY B 234 12.51 6.56 -8.71
N ASN B 235 12.79 7.58 -9.49
CA ASN B 235 12.90 8.97 -8.96
C ASN B 235 11.78 9.85 -9.53
N ALA B 236 10.65 9.21 -9.83
CA ALA B 236 9.53 9.87 -10.50
C ALA B 236 8.82 10.79 -9.55
N ILE B 237 8.66 10.33 -8.32
CA ILE B 237 7.99 11.09 -7.31
C ILE B 237 9.06 11.88 -6.56
N THR B 238 9.30 13.09 -7.03
CA THR B 238 10.28 13.98 -6.40
C THR B 238 9.67 15.36 -6.17
N VAL B 239 9.93 15.93 -5.00
CA VAL B 239 9.36 17.22 -4.64
C VAL B 239 10.37 18.09 -3.95
N ASN B 240 10.21 19.40 -4.09
CA ASN B 240 11.09 20.38 -3.41
C ASN B 240 10.70 20.55 -1.94
N GLN B 241 11.70 20.76 -1.09
CA GLN B 241 11.49 20.93 0.33
C GLN B 241 10.56 22.10 0.60
N GLY B 242 9.69 21.92 1.59
CA GLY B 242 8.69 22.93 1.95
C GLY B 242 7.45 22.91 1.07
N ASP B 243 7.38 21.96 0.14
CA ASP B 243 6.24 21.87 -0.75
C ASP B 243 5.11 21.16 -0.02
N LYS B 244 3.89 21.54 -0.37
CA LYS B 244 2.71 20.76 -0.04
C LYS B 244 2.53 19.67 -1.08
N VAL B 245 2.28 18.44 -0.62
CA VAL B 245 2.12 17.28 -1.49
C VAL B 245 0.75 16.63 -1.24
N ARG B 246 0.08 16.23 -2.32
CA ARG B 246 -1.16 15.47 -2.24
C ARG B 246 -0.97 14.14 -2.94
N LEU B 247 -1.50 13.08 -2.34
CA LEU B 247 -1.36 11.75 -2.90
C LEU B 247 -2.72 11.10 -3.08
N PHE B 248 -3.05 10.75 -4.33
CA PHE B 248 -4.25 9.98 -4.64
C PHE B 248 -3.87 8.51 -4.59
N PHE B 249 -4.46 7.78 -3.64
CA PHE B 249 -4.07 6.39 -3.36
C PHE B 249 -5.23 5.42 -3.56
N VAL B 250 -4.95 4.30 -4.23
CA VAL B 250 -5.94 3.22 -4.36
C VAL B 250 -5.35 1.91 -3.84
N ALA B 251 -6.20 1.10 -3.23
CA ALA B 251 -5.84 -0.24 -2.80
C ALA B 251 -6.62 -1.21 -3.68
N GLY B 252 -5.97 -1.64 -4.76
CA GLY B 252 -6.57 -2.59 -5.70
C GLY B 252 -6.80 -3.96 -5.10
N GLY B 253 -5.90 -4.38 -4.20
CA GLY B 253 -5.99 -5.68 -3.55
C GLY B 253 -5.54 -6.76 -4.51
N PRO B 254 -6.41 -7.70 -4.90
CA PRO B 254 -7.84 -7.72 -4.56
C PRO B 254 -8.23 -8.24 -3.17
N ASN B 255 -7.26 -8.57 -2.31
CA ASN B 255 -7.55 -9.06 -0.96
C ASN B 255 -6.94 -8.27 0.19
N ILE B 256 -5.74 -7.73 0.00
CA ILE B 256 -5.00 -7.14 1.10
C ILE B 256 -5.07 -5.63 1.03
N GLY B 257 -5.51 -5.02 2.13
CA GLY B 257 -5.54 -3.57 2.26
C GLY B 257 -4.13 -3.06 2.46
N SER B 258 -3.98 -1.76 2.56
CA SER B 258 -2.65 -1.18 2.75
C SER B 258 -2.56 -0.34 4.01
N ASN B 259 -1.61 -0.70 4.86
CA ASN B 259 -1.28 0.11 6.02
C ASN B 259 -0.30 1.13 5.50
N PHE B 260 -0.81 2.04 4.68
CA PHE B 260 0.02 3.01 4.00
C PHE B 260 0.70 3.99 4.96
N HIS B 261 1.96 4.30 4.66
CA HIS B 261 2.78 5.19 5.46
C HIS B 261 4.03 5.56 4.66
N ILE B 262 4.50 6.79 4.82
CA ILE B 262 5.73 7.24 4.18
C ILE B 262 6.70 7.60 5.28
N ILE B 263 7.88 7.00 5.24
CA ILE B 263 8.89 7.20 6.29
C ILE B 263 9.32 8.66 6.34
N GLY B 264 9.46 9.18 7.55
CA GLY B 264 9.86 10.57 7.78
C GLY B 264 8.79 11.55 7.37
N GLN B 265 7.55 11.08 7.22
CA GLN B 265 6.44 11.94 6.81
C GLN B 265 5.24 11.80 7.71
N ILE B 266 4.52 12.89 7.89
CA ILE B 266 3.28 12.91 8.68
C ILE B 266 2.17 13.44 7.78
N PHE B 267 1.03 12.75 7.79
CA PHE B 267 -0.10 13.17 6.98
C PHE B 267 -0.91 14.23 7.72
N ASP B 268 -0.82 15.46 7.23
CA ASP B 268 -1.57 16.57 7.82
C ASP B 268 -3.07 16.40 7.65
N LYS B 269 -3.47 15.84 6.51
CA LYS B 269 -4.88 15.55 6.23
C LYS B 269 -5.04 14.17 5.61
N PHE B 270 -6.04 13.43 6.07
CA PHE B 270 -6.38 12.14 5.50
C PHE B 270 -7.89 12.01 5.38
N TYR B 271 -8.39 11.87 4.16
CA TYR B 271 -9.83 11.67 3.96
C TYR B 271 -10.10 10.47 3.03
N PRO B 272 -10.77 9.40 3.56
CA PRO B 272 -11.06 8.35 2.57
C PRO B 272 -12.12 8.68 1.57
N GLY B 273 -13.15 9.41 1.97
CA GLY B 273 -14.28 9.67 1.09
C GLY B 273 -14.66 11.13 0.89
N HIS B 274 -14.96 11.85 1.96
CA HIS B 274 -15.29 13.27 1.89
C HIS B 274 -14.17 14.17 2.39
N ARG B 275 -14.00 15.31 1.71
CA ARG B 275 -12.97 16.27 2.07
C ARG B 275 -13.14 16.80 3.50
N ARG B 276 -14.38 17.15 3.84
CA ARG B 276 -14.70 17.62 5.18
C ARG B 276 -14.43 16.65 6.32
N ASP B 277 -14.65 15.37 6.10
CA ASP B 277 -14.42 14.36 7.12
C ASP B 277 -13.01 13.80 6.96
N PHE B 278 -12.12 14.12 7.90
CA PHE B 278 -10.74 13.65 7.83
C PHE B 278 -10.12 13.66 9.22
N ILE B 279 -9.01 12.95 9.36
CA ILE B 279 -8.22 12.96 10.60
C ILE B 279 -6.93 13.72 10.33
N ARG B 280 -6.53 14.55 11.30
CA ARG B 280 -5.28 15.30 11.20
C ARG B 280 -4.15 14.55 11.86
N ASN B 281 -2.96 14.63 11.27
CA ASN B 281 -1.73 14.04 11.83
C ASN B 281 -1.69 12.50 11.91
N GLU B 282 -2.14 11.82 10.86
CA GLU B 282 -2.08 10.36 10.82
C GLU B 282 -0.69 9.93 10.36
N GLU B 283 -0.19 8.85 10.94
CA GLU B 283 1.12 8.30 10.59
C GLU B 283 0.98 7.14 9.61
N THR B 284 0.05 6.22 9.89
CA THR B 284 -0.24 5.07 9.05
C THR B 284 -1.77 4.94 8.98
N ALA B 285 -2.31 4.89 7.76
CA ALA B 285 -3.75 4.78 7.54
C ALA B 285 -4.08 3.46 6.86
N TYR B 286 -5.05 2.71 7.41
CA TYR B 286 -5.48 1.46 6.79
C TYR B 286 -6.45 1.75 5.64
N ILE B 287 -6.00 1.45 4.43
CA ILE B 287 -6.83 1.57 3.23
C ILE B 287 -7.32 0.17 2.85
N PRO B 288 -8.63 -0.11 3.05
CA PRO B 288 -9.12 -1.44 2.74
C PRO B 288 -9.09 -1.75 1.24
N PRO B 289 -8.96 -3.04 0.85
CA PRO B 289 -9.01 -3.34 -0.57
C PRO B 289 -10.31 -2.85 -1.18
N GLY B 290 -10.25 -2.40 -2.42
CA GLY B 290 -11.40 -1.82 -3.11
C GLY B 290 -11.82 -0.49 -2.53
N SER B 291 -10.82 0.34 -2.21
CA SER B 291 -11.07 1.67 -1.70
C SER B 291 -9.94 2.60 -2.09
N ALA B 292 -10.28 3.87 -2.27
CA ALA B 292 -9.31 4.91 -2.57
C ALA B 292 -9.45 6.04 -1.56
N ALA B 293 -8.37 6.79 -1.41
CA ALA B 293 -8.27 7.86 -0.41
C ALA B 293 -7.26 8.94 -0.80
N VAL B 294 -7.25 10.03 -0.04
CA VAL B 294 -6.39 11.19 -0.30
C VAL B 294 -5.53 11.45 0.93
N PHE B 295 -4.23 11.56 0.70
CA PHE B 295 -3.25 11.90 1.74
C PHE B 295 -2.66 13.27 1.42
N GLU B 296 -2.42 14.06 2.46
CA GLU B 296 -1.82 15.39 2.30
C GLU B 296 -0.73 15.60 3.36
N PHE B 297 0.43 16.07 2.91
CA PHE B 297 1.58 16.28 3.79
C PHE B 297 2.56 17.30 3.23
N LYS B 298 3.23 18.01 4.13
CA LYS B 298 4.27 18.96 3.76
C LYS B 298 5.63 18.27 3.79
N ALA B 299 6.43 18.48 2.74
CA ALA B 299 7.77 17.89 2.62
C ALA B 299 8.82 18.75 3.32
N LEU B 300 8.72 18.84 4.64
CA LEU B 300 9.59 19.73 5.42
C LEU B 300 11.02 19.20 5.61
N ALA B 301 11.26 17.92 5.33
CA ALA B 301 12.58 17.30 5.45
C ALA B 301 13.11 16.85 4.09
N THR B 302 14.39 17.11 3.84
CA THR B 302 15.06 16.78 2.58
C THR B 302 15.59 15.35 2.61
N GLY B 303 15.97 14.84 1.43
CA GLY B 303 16.57 13.52 1.30
C GLY B 303 15.62 12.45 0.78
N ASP B 304 16.05 11.19 0.88
CA ASP B 304 15.27 10.06 0.41
C ASP B 304 14.41 9.50 1.55
N PHE B 305 13.22 9.05 1.19
CA PHE B 305 12.26 8.51 2.16
C PHE B 305 11.51 7.33 1.57
N LEU B 306 11.38 6.26 2.36
CA LEU B 306 10.79 5.02 1.87
C LEU B 306 9.27 4.99 2.03
N ILE B 307 8.56 4.83 0.91
CA ILE B 307 7.11 4.70 0.89
C ILE B 307 6.81 3.23 1.04
N VAL B 308 6.00 2.85 2.02
CA VAL B 308 5.76 1.43 2.26
C VAL B 308 4.45 1.14 2.96
N ASP B 309 3.93 -0.06 2.75
CA ASP B 309 2.89 -0.60 3.62
C ASP B 309 3.61 -0.89 4.92
N HIS B 310 2.97 -0.63 6.06
CA HIS B 310 3.70 -0.83 7.33
C HIS B 310 3.68 -2.26 7.86
N ALA B 311 3.02 -3.17 7.14
CA ALA B 311 3.26 -4.58 7.33
C ALA B 311 4.62 -4.76 6.71
N LEU B 312 5.66 -4.68 7.52
CA LEU B 312 7.02 -4.46 7.00
C LEU B 312 7.61 -5.60 6.15
N PHE B 313 7.32 -6.84 6.51
CA PHE B 313 7.78 -7.96 5.67
C PHE B 313 7.12 -7.91 4.29
N ARG B 314 6.05 -7.14 4.17
CA ARG B 314 5.47 -6.85 2.86
C ARG B 314 6.41 -6.06 1.99
N VAL B 315 7.20 -5.19 2.62
CA VAL B 315 8.15 -4.33 1.89
C VAL B 315 9.19 -5.15 1.11
N PRO B 316 9.80 -6.18 1.73
CA PRO B 316 10.70 -7.01 0.93
C PRO B 316 10.02 -7.62 -0.28
N LYS B 317 8.77 -8.00 -0.10
CA LYS B 317 7.98 -8.53 -1.20
C LYS B 317 7.88 -7.55 -2.39
N GLY B 318 7.93 -6.25 -2.10
CA GLY B 318 7.71 -5.22 -3.11
C GLY B 318 6.86 -4.03 -2.70
N ALA B 319 6.25 -4.08 -1.51
CA ALA B 319 5.54 -2.91 -0.96
C ALA B 319 6.54 -1.86 -0.48
N GLY B 320 7.29 -1.32 -1.43
CA GLY B 320 8.41 -0.44 -1.16
C GLY B 320 8.54 0.55 -2.29
N GLY B 321 8.54 1.84 -1.95
CA GLY B 321 8.70 2.93 -2.91
C GLY B 321 9.70 3.94 -2.39
N LEU B 322 9.84 5.04 -3.12
CA LEU B 322 10.88 6.03 -2.83
C LEU B 322 10.40 7.45 -3.12
N LEU B 323 10.42 8.31 -2.11
CA LEU B 323 10.06 9.73 -2.22
C LEU B 323 11.32 10.57 -2.06
N HIS B 324 11.53 11.52 -2.96
CA HIS B 324 12.72 12.38 -2.95
C HIS B 324 12.34 13.83 -2.65
N VAL B 325 13.08 14.42 -1.69
CA VAL B 325 12.89 15.81 -1.31
C VAL B 325 14.21 16.58 -1.44
N LYS B 326 14.19 17.65 -2.23
CA LYS B 326 15.38 18.44 -2.57
C LYS B 326 15.33 19.81 -1.92
N MET C 21 -28.02 -36.16 21.11
CA MET C 21 -29.46 -36.11 20.73
C MET C 21 -29.73 -34.64 20.41
N VAL C 22 -29.72 -34.30 19.12
CA VAL C 22 -29.69 -32.94 18.59
C VAL C 22 -30.70 -32.76 17.47
N ASP C 23 -31.13 -31.52 17.33
CA ASP C 23 -32.04 -31.18 16.27
C ASP C 23 -31.19 -30.98 15.05
N VAL C 24 -31.76 -31.31 13.91
CA VAL C 24 -31.08 -31.11 12.63
C VAL C 24 -32.04 -30.39 11.69
N ILE C 25 -31.71 -29.15 11.34
CA ILE C 25 -32.56 -28.29 10.50
C ILE C 25 -31.81 -27.93 9.22
N SER C 26 -32.52 -27.46 8.21
CA SER C 26 -31.91 -27.05 6.94
C SER C 26 -30.85 -25.96 7.07
N ASN C 27 -31.17 -24.89 7.79
CA ASN C 27 -30.23 -23.75 7.93
C ASN C 27 -30.55 -22.83 9.10
N VAL C 28 -29.55 -22.04 9.49
CA VAL C 28 -29.66 -21.06 10.58
C VAL C 28 -29.67 -19.62 10.04
N ALA C 29 -29.92 -19.46 8.74
CA ALA C 29 -29.91 -18.14 8.15
C ALA C 29 -30.88 -17.20 8.83
N LYS C 30 -30.44 -15.96 9.04
CA LYS C 30 -31.24 -14.93 9.71
C LYS C 30 -31.89 -14.05 8.64
N ASP C 31 -33.20 -13.87 8.74
CA ASP C 31 -33.90 -12.92 7.87
C ASP C 31 -33.33 -11.51 8.13
N PRO C 32 -32.85 -10.82 7.07
CA PRO C 32 -32.36 -9.46 7.32
C PRO C 32 -33.47 -8.41 7.37
N ALA C 33 -34.73 -8.84 7.53
CA ALA C 33 -35.85 -7.93 7.74
C ALA C 33 -36.54 -8.12 9.09
N ASP C 34 -36.25 -9.22 9.80
CA ASP C 34 -36.76 -9.44 11.15
C ASP C 34 -36.10 -8.42 12.09
N ILE C 35 -36.61 -7.19 12.04
CA ILE C 35 -36.04 -6.07 12.76
C ILE C 35 -37.10 -5.44 13.65
N PRO C 36 -36.75 -5.13 14.92
CA PRO C 36 -37.68 -4.36 15.75
C PRO C 36 -38.06 -3.02 15.10
N GLY C 37 -39.14 -2.42 15.59
CA GLY C 37 -39.68 -1.18 15.04
C GLY C 37 -38.83 0.03 15.34
N ARG C 38 -38.90 1.03 14.47
CA ARG C 38 -38.21 2.32 14.63
C ARG C 38 -38.57 3.01 15.93
N ILE C 39 -37.64 3.80 16.45
CA ILE C 39 -37.82 4.49 17.71
C ILE C 39 -38.09 5.96 17.40
N SER C 40 -39.20 6.47 17.95
CA SER C 40 -39.61 7.88 17.77
C SER C 40 -39.93 8.54 19.11
N ARG C 41 -39.33 8.04 20.19
CA ARG C 41 -39.65 8.46 21.55
C ARG C 41 -38.41 9.02 22.24
N SER C 42 -38.62 9.89 23.21
CA SER C 42 -37.57 10.39 24.10
C SER C 42 -37.70 9.91 25.55
N CYS C 43 -38.87 9.36 25.89
CA CYS C 43 -39.10 8.79 27.22
C CYS C 43 -38.31 7.51 27.44
N PRO C 44 -37.34 7.51 28.37
CA PRO C 44 -36.69 6.22 28.64
C PRO C 44 -37.71 5.17 29.10
N LYS C 45 -37.35 3.91 28.88
CA LYS C 45 -38.21 2.77 29.18
C LYS C 45 -37.35 1.56 29.54
N THR C 46 -38.01 0.52 30.05
CA THR C 46 -37.35 -0.75 30.34
C THR C 46 -37.68 -1.73 29.21
N VAL C 47 -36.78 -1.78 28.23
CA VAL C 47 -36.94 -2.69 27.09
C VAL C 47 -36.42 -4.05 27.52
N THR C 48 -37.15 -5.10 27.15
CA THR C 48 -36.85 -6.46 27.62
C THR C 48 -36.95 -7.47 26.47
N VAL C 49 -35.93 -8.33 26.36
CA VAL C 49 -35.86 -9.36 25.32
C VAL C 49 -35.54 -10.73 25.92
N ASN C 50 -36.19 -11.76 25.38
CA ASN C 50 -36.01 -13.14 25.82
C ASN C 50 -35.20 -13.94 24.80
N LEU C 51 -34.00 -14.36 25.21
CA LEU C 51 -33.12 -15.17 24.37
C LEU C 51 -32.95 -16.59 24.89
N VAL C 52 -32.70 -17.51 23.96
CA VAL C 52 -32.49 -18.92 24.27
C VAL C 52 -31.32 -19.47 23.43
N ALA C 53 -30.24 -19.88 24.10
CA ALA C 53 -29.06 -20.46 23.46
C ALA C 53 -29.40 -21.85 22.91
N LYS C 54 -29.22 -22.03 21.60
CA LYS C 54 -29.65 -23.25 20.90
C LYS C 54 -28.51 -23.87 20.09
N GLU C 55 -28.04 -25.04 20.52
CA GLU C 55 -27.10 -25.83 19.73
C GLU C 55 -27.87 -26.60 18.67
N VAL C 56 -27.45 -26.50 17.43
CA VAL C 56 -28.19 -27.04 16.30
C VAL C 56 -27.24 -27.55 15.22
N VAL C 57 -27.65 -28.59 14.49
CA VAL C 57 -26.97 -28.99 13.26
C VAL C 57 -27.77 -28.46 12.06
N ALA C 58 -27.05 -27.90 11.09
CA ALA C 58 -27.64 -27.34 9.88
C ALA C 58 -26.62 -27.14 8.79
N ASP C 59 -27.08 -26.82 7.59
CA ASP C 59 -26.18 -26.51 6.48
C ASP C 59 -25.48 -25.18 6.68
N LEU C 60 -24.15 -25.21 6.71
CA LEU C 60 -23.35 -23.98 6.64
C LEU C 60 -23.26 -23.56 5.19
N ALA C 61 -22.78 -24.50 4.38
CA ALA C 61 -22.77 -24.38 2.93
C ALA C 61 -23.69 -25.46 2.34
N PRO C 62 -24.03 -25.36 1.04
CA PRO C 62 -24.77 -26.45 0.41
C PRO C 62 -24.00 -27.77 0.49
N GLY C 63 -24.66 -28.79 1.04
CA GLY C 63 -24.05 -30.12 1.22
C GLY C 63 -23.15 -30.31 2.43
N LYS C 64 -22.94 -29.25 3.21
CA LYS C 64 -22.07 -29.28 4.39
C LYS C 64 -22.88 -28.99 5.64
N LYS C 65 -23.06 -30.01 6.47
CA LYS C 65 -23.77 -29.85 7.75
C LYS C 65 -22.80 -29.39 8.80
N PHE C 66 -23.15 -28.34 9.54
CA PHE C 66 -22.29 -27.81 10.58
C PHE C 66 -23.00 -27.76 11.93
N TRP C 67 -22.28 -28.03 13.01
CA TRP C 67 -22.83 -27.94 14.34
C TRP C 67 -22.85 -26.47 14.65
N PHE C 68 -23.98 -25.89 14.99
CA PHE C 68 -24.06 -24.45 15.34
C PHE C 68 -24.42 -24.19 16.78
N TRP C 69 -23.95 -23.06 17.28
CA TRP C 69 -24.31 -22.57 18.58
C TRP C 69 -24.92 -21.26 18.20
N THR C 70 -26.19 -21.07 18.50
CA THR C 70 -26.88 -19.87 18.07
C THR C 70 -27.71 -19.25 19.17
N PHE C 71 -28.21 -18.05 18.90
CA PHE C 71 -29.17 -17.36 19.75
C PHE C 71 -30.51 -17.34 19.03
N ALA C 72 -31.58 -17.50 19.81
CA ALA C 72 -32.94 -17.43 19.27
C ALA C 72 -33.77 -16.50 20.14
N GLU C 73 -34.71 -15.79 19.53
CA GLU C 73 -35.55 -14.84 20.25
C GLU C 73 -36.89 -15.48 20.61
N LYS C 74 -37.22 -15.42 21.89
CA LYS C 74 -38.48 -15.94 22.37
C LYS C 74 -39.46 -14.76 22.47
N LYS C 75 -40.45 -14.74 21.59
CA LYS C 75 -41.47 -13.67 21.56
C LYS C 75 -42.77 -14.30 22.00
N GLY C 76 -43.14 -14.06 23.26
CA GLY C 76 -44.24 -14.74 23.94
C GLY C 76 -43.88 -16.13 24.48
N ASP C 77 -44.77 -17.09 24.20
CA ASP C 77 -44.53 -18.50 24.54
C ASP C 77 -43.71 -19.27 23.49
N THR C 78 -43.82 -18.84 22.24
CA THR C 78 -43.18 -19.49 21.10
C THR C 78 -41.77 -18.93 20.80
N VAL C 79 -40.82 -19.84 20.62
CA VAL C 79 -39.39 -19.52 20.47
C VAL C 79 -38.94 -19.83 19.06
N GLY C 80 -37.67 -19.52 18.77
CA GLY C 80 -37.07 -19.81 17.49
C GLY C 80 -37.48 -18.78 16.45
N PRO C 81 -36.91 -18.83 15.24
CA PRO C 81 -35.90 -19.82 14.85
C PRO C 81 -34.51 -19.48 15.37
N ALA C 82 -33.62 -20.45 15.27
CA ALA C 82 -32.22 -20.31 15.65
C ALA C 82 -31.44 -19.73 14.47
N THR C 83 -30.70 -18.66 14.68
CA THR C 83 -30.03 -17.96 13.58
C THR C 83 -28.63 -17.41 13.86
N VAL C 84 -27.91 -17.12 12.77
CA VAL C 84 -26.60 -16.48 12.79
C VAL C 84 -26.62 -15.37 11.72
N PRO C 85 -26.43 -14.09 12.08
CA PRO C 85 -26.26 -13.65 13.47
C PRO C 85 -27.53 -13.79 14.30
N GLY C 86 -27.39 -13.68 15.61
CA GLY C 86 -28.52 -13.76 16.54
C GLY C 86 -29.54 -12.66 16.32
N PRO C 87 -30.59 -12.62 17.15
CA PRO C 87 -31.63 -11.60 16.99
C PRO C 87 -31.13 -10.19 17.25
N MET C 88 -31.60 -9.22 16.45
CA MET C 88 -31.22 -7.82 16.65
C MET C 88 -31.98 -7.24 17.83
N VAL C 89 -31.24 -6.70 18.79
CA VAL C 89 -31.79 -5.96 19.91
C VAL C 89 -31.77 -4.49 19.53
N ARG C 90 -32.77 -3.74 19.98
CA ARG C 90 -32.90 -2.33 19.61
C ARG C 90 -33.52 -1.52 20.75
N VAL C 91 -32.76 -0.56 21.25
CA VAL C 91 -33.15 0.27 22.40
C VAL C 91 -32.79 1.74 22.17
N MET C 92 -33.17 2.58 23.13
CA MET C 92 -32.86 4.00 23.11
C MET C 92 -31.85 4.32 24.23
N GLU C 93 -31.06 5.37 24.05
CA GLU C 93 -30.07 5.77 25.04
C GLU C 93 -30.75 6.29 26.31
N GLY C 94 -30.49 5.63 27.43
CA GLY C 94 -31.12 5.95 28.71
C GLY C 94 -32.17 4.92 29.12
N ASP C 95 -32.55 4.04 28.19
CA ASP C 95 -33.39 2.89 28.53
C ASP C 95 -32.68 1.98 29.53
N THR C 96 -33.47 1.07 30.11
CA THR C 96 -32.95 0.01 30.95
C THR C 96 -33.19 -1.29 30.20
N VAL C 97 -32.13 -2.05 29.97
CA VAL C 97 -32.21 -3.21 29.09
C VAL C 97 -32.16 -4.50 29.88
N VAL C 98 -33.15 -5.36 29.67
CA VAL C 98 -33.30 -6.63 30.38
C VAL C 98 -33.27 -7.77 29.37
N ILE C 99 -32.24 -8.61 29.45
CA ILE C 99 -32.14 -9.78 28.58
C ILE C 99 -32.24 -11.02 29.46
N ASN C 100 -33.30 -11.80 29.26
CA ASN C 100 -33.44 -13.09 29.92
C ASN C 100 -32.83 -14.13 28.99
N LEU C 101 -31.71 -14.71 29.37
CA LEU C 101 -31.10 -15.80 28.59
C LEU C 101 -31.48 -17.15 29.17
N THR C 102 -31.88 -18.06 28.29
CA THR C 102 -32.12 -19.45 28.65
C THR C 102 -31.19 -20.35 27.86
N ASN C 103 -30.64 -21.37 28.53
CA ASN C 103 -29.82 -22.38 27.89
C ASN C 103 -30.67 -23.64 27.78
N ASP C 104 -31.09 -23.99 26.56
CA ASP C 104 -31.93 -25.17 26.32
C ASP C 104 -31.39 -26.42 27.03
N LEU C 105 -32.31 -27.32 27.35
CA LEU C 105 -32.01 -28.54 28.11
C LEU C 105 -31.20 -29.55 27.27
N HIS C 106 -31.40 -29.53 25.96
CA HIS C 106 -30.73 -30.45 25.04
C HIS C 106 -29.37 -29.94 24.52
N ASN C 107 -28.87 -28.86 25.11
CA ASN C 107 -27.51 -28.36 24.82
C ASN C 107 -26.43 -29.12 25.59
N GLU C 108 -25.20 -28.94 25.15
CA GLU C 108 -24.04 -29.58 25.73
C GLU C 108 -23.25 -28.55 26.53
N GLU C 109 -22.63 -27.60 25.84
CA GLU C 109 -21.75 -26.63 26.49
C GLU C 109 -22.58 -25.54 27.17
N PRO C 110 -22.06 -24.97 28.28
CA PRO C 110 -22.73 -23.85 28.94
C PRO C 110 -22.59 -22.56 28.12
N HIS C 111 -23.40 -21.56 28.43
CA HIS C 111 -23.38 -20.28 27.69
C HIS C 111 -23.65 -19.07 28.58
N ASN C 112 -23.49 -17.89 28.00
CA ASN C 112 -23.71 -16.60 28.69
C ASN C 112 -23.74 -15.45 27.69
N LEU C 113 -24.04 -14.26 28.18
CA LEU C 113 -24.11 -13.05 27.33
C LEU C 113 -23.09 -12.00 27.67
N ASP C 114 -22.60 -11.30 26.64
CA ASP C 114 -21.61 -10.24 26.79
C ASP C 114 -22.09 -9.18 25.85
N PHE C 115 -22.47 -8.03 26.41
CA PHE C 115 -22.91 -6.90 25.58
C PHE C 115 -21.89 -5.77 25.57
N HIS C 116 -21.46 -5.38 24.36
CA HIS C 116 -20.56 -4.26 24.17
C HIS C 116 -21.24 -2.91 24.42
N ALA C 117 -22.57 -2.88 24.36
CA ALA C 117 -23.37 -1.67 24.64
C ALA C 117 -23.45 -1.25 26.11
N GLY C 118 -23.01 -2.12 27.03
CA GLY C 118 -23.10 -1.85 28.47
C GLY C 118 -21.79 -1.94 29.24
N PHE C 119 -21.73 -1.23 30.37
CA PHE C 119 -20.55 -1.22 31.23
C PHE C 119 -20.60 -2.42 32.15
N GLY C 120 -19.64 -3.34 31.98
CA GLY C 120 -19.63 -4.60 32.71
C GLY C 120 -20.94 -5.33 32.53
N ALA C 121 -21.38 -5.46 31.27
CA ALA C 121 -22.64 -6.10 30.92
C ALA C 121 -22.38 -7.52 30.44
N MET C 122 -21.91 -8.36 31.36
CA MET C 122 -21.67 -9.78 31.10
C MET C 122 -22.45 -10.59 32.14
N LEU C 123 -23.07 -11.68 31.69
CA LEU C 123 -23.74 -12.62 32.58
C LEU C 123 -22.74 -13.60 33.15
N MET C 124 -23.23 -14.53 33.97
CA MET C 124 -22.44 -15.67 34.43
C MET C 124 -22.91 -16.93 33.71
N ASP C 125 -21.96 -17.83 33.46
CA ASP C 125 -22.22 -19.05 32.69
C ASP C 125 -23.41 -19.80 33.27
N ILE C 126 -24.45 -19.97 32.45
CA ILE C 126 -25.65 -20.69 32.85
C ILE C 126 -25.62 -22.10 32.26
N GLU C 127 -26.02 -23.09 33.06
CA GLU C 127 -25.93 -24.50 32.65
C GLU C 127 -27.16 -24.86 31.79
N PRO C 128 -27.04 -25.87 30.91
CA PRO C 128 -28.21 -26.26 30.11
C PRO C 128 -29.41 -26.58 31.00
N GLY C 129 -30.48 -25.81 30.82
CA GLY C 129 -31.71 -25.94 31.62
C GLY C 129 -31.99 -24.71 32.45
N GLU C 130 -30.95 -24.17 33.08
CA GLU C 130 -31.08 -22.98 33.95
C GLU C 130 -31.31 -21.73 33.08
N THR C 131 -31.88 -20.70 33.70
CA THR C 131 -32.19 -19.44 33.01
C THR C 131 -31.87 -18.26 33.93
N ASP C 132 -31.08 -17.31 33.43
CA ASP C 132 -30.73 -16.09 34.18
C ASP C 132 -31.10 -14.84 33.40
N THR C 133 -31.23 -13.74 34.14
CA THR C 133 -31.54 -12.43 33.56
C THR C 133 -30.38 -11.45 33.69
N LEU C 134 -30.09 -10.76 32.58
CA LEU C 134 -29.09 -9.69 32.53
C LEU C 134 -29.78 -8.34 32.45
N THR C 135 -29.58 -7.52 33.47
CA THR C 135 -30.08 -6.14 33.48
C THR C 135 -28.91 -5.17 33.33
N PHE C 136 -29.05 -4.19 32.44
CA PHE C 136 -28.06 -3.12 32.28
C PHE C 136 -28.67 -1.86 31.66
N LYS C 137 -28.07 -0.70 31.98
CA LYS C 137 -28.50 0.58 31.42
C LYS C 137 -27.66 0.91 30.19
N ALA C 138 -28.34 1.29 29.11
CA ALA C 138 -27.67 1.69 27.86
C ALA C 138 -27.44 3.19 27.86
N LYS C 139 -26.27 3.61 28.33
CA LYS C 139 -25.97 5.05 28.50
C LYS C 139 -24.92 5.58 27.50
N ARG C 140 -24.59 4.78 26.49
CA ARG C 140 -23.78 5.23 25.35
C ARG C 140 -24.43 4.75 24.06
N GLU C 141 -24.80 5.69 23.20
CA GLU C 141 -25.46 5.38 21.92
C GLU C 141 -24.48 4.80 20.91
N GLY C 142 -25.01 4.01 19.99
CA GLY C 142 -24.24 3.40 18.92
C GLY C 142 -24.67 2.00 18.55
N ALA C 143 -24.05 1.47 17.50
CA ALA C 143 -24.24 0.07 17.10
C ALA C 143 -23.14 -0.76 17.74
N TYR C 144 -23.54 -1.79 18.49
CA TYR C 144 -22.60 -2.68 19.16
C TYR C 144 -22.87 -4.15 18.87
N ILE C 145 -21.85 -4.97 19.12
CA ILE C 145 -21.96 -6.43 19.03
C ILE C 145 -22.21 -7.01 20.43
N TYR C 146 -22.98 -8.09 20.47
CA TYR C 146 -23.11 -8.91 21.67
C TYR C 146 -22.80 -10.37 21.33
N HIS C 147 -22.28 -11.13 22.30
CA HIS C 147 -21.91 -12.53 22.04
C HIS C 147 -21.83 -13.43 23.28
N CYS C 148 -21.65 -14.72 23.02
CA CYS C 148 -21.44 -15.72 24.06
C CYS C 148 -19.97 -15.79 24.44
N GLY C 149 -19.65 -15.51 25.72
CA GLY C 149 -18.27 -15.52 26.22
C GLY C 149 -18.00 -16.55 27.29
N ALA C 150 -18.82 -17.61 27.31
CA ALA C 150 -18.80 -18.59 28.40
C ALA C 150 -17.52 -19.41 28.46
N GLU C 151 -17.25 -19.96 29.64
CA GLU C 151 -16.08 -20.80 29.89
C GLU C 151 -14.77 -20.06 29.67
N GLY C 152 -14.81 -18.73 29.74
CA GLY C 152 -13.65 -17.89 29.44
C GLY C 152 -13.02 -18.12 28.07
N MET C 153 -13.81 -18.66 27.15
CA MET C 153 -13.33 -18.98 25.81
C MET C 153 -14.25 -18.29 24.78
N PRO C 154 -14.22 -16.94 24.74
CA PRO C 154 -15.10 -16.27 23.78
C PRO C 154 -14.82 -16.64 22.32
N TRP C 155 -13.56 -16.99 22.01
CA TRP C 155 -13.18 -17.45 20.67
C TRP C 155 -13.95 -18.67 20.18
N GLU C 156 -14.08 -19.68 21.05
CA GLU C 156 -14.76 -20.93 20.67
C GLU C 156 -16.26 -20.69 20.50
N HIS C 157 -16.85 -19.93 21.42
CA HIS C 157 -18.29 -19.68 21.41
C HIS C 157 -18.75 -18.79 20.25
N VAL C 158 -17.97 -17.75 19.94
CA VAL C 158 -18.28 -16.87 18.81
C VAL C 158 -18.07 -17.64 17.50
N ALA C 159 -16.98 -18.40 17.42
CA ALA C 159 -16.66 -19.24 16.23
C ALA C 159 -17.81 -20.14 15.73
N TYR C 160 -18.59 -20.65 16.69
CA TYR C 160 -19.77 -21.48 16.39
C TYR C 160 -21.04 -20.70 15.97
N GLY C 161 -20.98 -19.37 16.03
CA GLY C 161 -22.08 -18.52 15.60
C GLY C 161 -22.86 -17.75 16.68
N MET C 162 -22.35 -17.69 17.92
CA MET C 162 -23.07 -17.03 19.03
C MET C 162 -22.74 -15.54 19.09
N TYR C 163 -23.23 -14.80 18.08
CA TYR C 163 -23.02 -13.36 18.02
C TYR C 163 -24.19 -12.64 17.36
N GLY C 164 -24.56 -11.49 17.93
CA GLY C 164 -25.61 -10.64 17.37
C GLY C 164 -25.34 -9.16 17.57
N LEU C 165 -26.21 -8.34 16.98
CA LEU C 165 -26.06 -6.88 17.00
C LEU C 165 -27.09 -6.24 17.92
N ILE C 166 -26.61 -5.29 18.74
CA ILE C 166 -27.49 -4.39 19.50
C ILE C 166 -27.20 -2.95 19.08
N VAL C 167 -28.26 -2.16 18.89
CA VAL C 167 -28.12 -0.73 18.59
C VAL C 167 -28.79 0.08 19.69
N VAL C 168 -28.06 1.06 20.20
CA VAL C 168 -28.61 2.03 21.14
C VAL C 168 -28.80 3.33 20.36
N GLU C 169 -30.05 3.63 20.00
CA GLU C 169 -30.34 4.86 19.27
C GLU C 169 -30.33 6.06 20.21
N PRO C 170 -30.03 7.27 19.70
CA PRO C 170 -30.15 8.45 20.55
C PRO C 170 -31.60 8.73 20.93
N LYS C 171 -31.80 9.73 21.79
CA LYS C 171 -33.15 10.13 22.18
C LYS C 171 -33.82 10.78 20.97
N GLY C 172 -35.02 10.31 20.65
CA GLY C 172 -35.72 10.68 19.42
C GLY C 172 -35.56 9.66 18.32
N GLY C 173 -34.54 8.82 18.43
CA GLY C 173 -34.21 7.82 17.43
C GLY C 173 -33.39 8.39 16.31
N LEU C 174 -32.81 7.49 15.52
CA LEU C 174 -32.02 7.88 14.36
C LEU C 174 -32.97 8.47 13.32
N SER C 175 -32.42 9.26 12.39
CA SER C 175 -33.22 9.84 11.32
C SER C 175 -33.98 8.73 10.62
N ARG C 176 -35.27 8.95 10.39
CA ARG C 176 -36.12 7.94 9.79
C ARG C 176 -35.71 7.62 8.35
N VAL C 177 -35.82 6.33 8.00
CA VAL C 177 -35.45 5.85 6.68
C VAL C 177 -36.61 5.02 6.09
N ASP C 178 -36.63 4.86 4.76
CA ASP C 178 -37.67 4.06 4.11
C ASP C 178 -37.55 2.55 4.41
N LYS C 179 -36.37 1.98 4.19
CA LYS C 179 -36.11 0.55 4.45
C LYS C 179 -34.88 0.35 5.32
N GLU C 180 -34.92 -0.66 6.19
CA GLU C 180 -33.83 -0.99 7.10
C GLU C 180 -33.54 -2.48 7.10
N PHE C 181 -32.26 -2.84 7.18
CA PHE C 181 -31.85 -4.26 7.18
C PHE C 181 -30.71 -4.56 8.16
N TYR C 182 -30.50 -5.85 8.39
CA TYR C 182 -29.57 -6.36 9.39
C TYR C 182 -28.70 -7.45 8.79
N ILE C 183 -27.38 -7.23 8.76
CA ILE C 183 -26.45 -8.19 8.20
C ILE C 183 -25.30 -8.47 9.19
N GLY C 184 -25.07 -9.75 9.46
CA GLY C 184 -23.89 -10.20 10.21
C GLY C 184 -22.95 -11.02 9.34
N GLN C 185 -21.70 -10.58 9.21
CA GLN C 185 -20.66 -11.33 8.51
C GLN C 185 -19.87 -12.20 9.48
N GLY C 186 -19.45 -13.37 9.00
CA GLY C 186 -18.57 -14.27 9.75
C GLY C 186 -17.75 -15.17 8.84
N GLU C 187 -16.66 -15.71 9.38
CA GLU C 187 -15.85 -16.73 8.70
C GLU C 187 -15.85 -18.04 9.50
N TRP C 188 -15.68 -19.16 8.80
CA TRP C 188 -15.80 -20.49 9.39
C TRP C 188 -14.65 -21.42 9.02
N TYR C 189 -14.20 -22.19 10.01
CA TYR C 189 -13.16 -23.17 9.84
C TYR C 189 -13.82 -24.47 10.19
N ILE C 190 -13.79 -25.43 9.28
CA ILE C 190 -14.54 -26.67 9.48
C ILE C 190 -13.68 -27.96 9.35
N LYS C 191 -13.89 -28.88 10.28
CA LYS C 191 -13.22 -30.20 10.31
C LYS C 191 -14.29 -31.24 10.48
N PRO C 192 -14.25 -32.33 9.69
CA PRO C 192 -15.23 -33.41 9.86
C PRO C 192 -14.67 -34.39 10.90
N GLY C 193 -15.43 -34.89 11.86
CA GLY C 193 -16.79 -34.54 12.12
C GLY C 193 -16.94 -34.03 13.55
N ILE C 194 -18.17 -33.98 14.00
CA ILE C 194 -18.41 -33.50 15.35
C ILE C 194 -18.03 -34.58 16.34
N GLU C 195 -17.31 -34.18 17.39
CA GLU C 195 -16.93 -35.08 18.48
C GLU C 195 -18.10 -35.56 19.36
N ASP C 196 -18.97 -34.65 19.75
CA ASP C 196 -19.99 -35.01 20.72
C ASP C 196 -21.02 -35.92 20.11
N HIS C 197 -21.33 -35.68 18.84
CA HIS C 197 -22.33 -36.46 18.07
C HIS C 197 -21.56 -37.09 16.95
N PRO C 198 -21.36 -38.45 16.96
CA PRO C 198 -20.65 -38.99 15.82
C PRO C 198 -21.58 -39.57 14.78
N HIS C 199 -22.84 -39.86 15.16
CA HIS C 199 -23.84 -40.32 14.19
C HIS C 199 -24.08 -39.35 13.05
N ILE C 200 -24.02 -38.06 13.35
CA ILE C 200 -24.25 -37.00 12.39
C ILE C 200 -23.04 -36.96 11.46
N ARG C 201 -23.26 -36.85 10.15
CA ARG C 201 -22.14 -36.62 9.24
C ARG C 201 -22.03 -35.12 9.04
N GLY C 202 -21.17 -34.43 9.80
CA GLY C 202 -20.92 -33.05 9.54
C GLY C 202 -19.55 -32.60 10.10
N TYR C 203 -19.32 -31.29 10.07
CA TYR C 203 -17.98 -30.73 10.29
C TYR C 203 -18.05 -29.89 11.57
N SER C 204 -17.15 -30.13 12.47
CA SER C 204 -17.07 -29.38 13.74
C SER C 204 -15.98 -28.31 13.61
N LEU C 205 -15.89 -27.41 14.59
CA LEU C 205 -14.89 -26.34 14.61
C LEU C 205 -13.48 -26.91 14.49
N ASP C 206 -12.62 -26.26 13.72
CA ASP C 206 -11.23 -26.66 13.59
C ASP C 206 -10.36 -25.66 14.32
N GLU C 207 -9.73 -26.11 15.40
CA GLU C 207 -8.86 -25.24 16.20
C GLU C 207 -7.68 -24.74 15.38
N ASP C 208 -7.04 -25.65 14.64
CA ASP C 208 -5.84 -25.33 13.89
C ASP C 208 -6.09 -24.27 12.82
N LYS C 209 -6.99 -24.58 11.89
CA LYS C 209 -7.42 -23.61 10.88
C LYS C 209 -7.84 -22.26 11.49
N ALA C 210 -8.58 -22.32 12.60
CA ALA C 210 -9.05 -21.14 13.34
C ALA C 210 -7.91 -20.33 13.93
N LEU C 211 -6.99 -21.01 14.60
CA LEU C 211 -5.79 -20.37 15.18
C LEU C 211 -4.89 -19.74 14.11
N ALA C 212 -4.82 -20.38 12.95
CA ALA C 212 -4.04 -19.88 11.81
C ALA C 212 -4.76 -18.81 10.96
N GLU C 213 -6.02 -18.51 11.30
CA GLU C 213 -6.84 -17.53 10.58
C GLU C 213 -6.97 -17.83 9.08
N HIS C 214 -7.15 -19.12 8.76
CA HIS C 214 -7.34 -19.59 7.38
C HIS C 214 -8.72 -20.23 7.21
N PRO C 215 -9.76 -19.40 7.05
CA PRO C 215 -11.12 -19.91 6.92
C PRO C 215 -11.42 -20.54 5.58
N ASP C 216 -12.41 -21.42 5.57
CA ASP C 216 -12.82 -22.17 4.39
C ASP C 216 -14.03 -21.55 3.73
N TYR C 217 -14.97 -21.09 4.54
CA TYR C 217 -16.14 -20.37 4.04
C TYR C 217 -16.34 -19.06 4.76
N PHE C 218 -17.04 -18.14 4.08
CA PHE C 218 -17.46 -16.85 4.63
C PHE C 218 -18.98 -16.82 4.48
N THR C 219 -19.66 -16.27 5.48
CA THR C 219 -21.11 -16.28 5.47
C THR C 219 -21.74 -14.93 5.79
N PHE C 220 -22.84 -14.64 5.11
CA PHE C 220 -23.67 -13.50 5.44
C PHE C 220 -24.95 -14.04 6.04
N ASN C 221 -25.25 -13.65 7.27
CA ASN C 221 -26.45 -14.10 7.95
C ASN C 221 -26.56 -15.62 8.12
N GLY C 222 -25.43 -16.26 8.42
CA GLY C 222 -25.41 -17.68 8.78
C GLY C 222 -25.42 -18.76 7.70
N HIS C 223 -25.41 -18.37 6.42
CA HIS C 223 -25.39 -19.36 5.33
C HIS C 223 -24.53 -18.85 4.18
N THR C 224 -23.87 -19.75 3.48
CA THR C 224 -23.01 -19.38 2.37
C THR C 224 -23.83 -18.73 1.24
N GLN C 225 -24.94 -19.36 0.91
CA GLN C 225 -25.88 -18.86 -0.10
C GLN C 225 -26.99 -17.98 0.44
N ALA C 226 -27.01 -17.71 1.74
CA ALA C 226 -28.04 -16.86 2.30
C ALA C 226 -27.85 -15.47 1.67
N LEU C 227 -28.95 -14.87 1.24
CA LEU C 227 -28.95 -13.56 0.54
C LEU C 227 -28.64 -13.74 -0.92
N MET C 228 -28.30 -14.96 -1.30
CA MET C 228 -28.02 -15.30 -2.68
C MET C 228 -29.04 -16.29 -3.23
N ASP C 229 -29.74 -17.00 -2.34
CA ASP C 229 -30.71 -17.99 -2.74
C ASP C 229 -32.11 -17.51 -2.46
N PRO C 230 -33.01 -17.48 -3.49
CA PRO C 230 -34.32 -16.94 -3.09
C PRO C 230 -35.00 -17.70 -1.96
N SER C 231 -34.88 -19.03 -1.97
CA SER C 231 -35.47 -19.84 -0.92
C SER C 231 -34.89 -19.44 0.43
N ILE C 232 -33.58 -19.22 0.48
CA ILE C 232 -32.96 -18.85 1.73
C ILE C 232 -32.80 -17.35 1.80
N TYR C 233 -33.91 -16.63 1.92
CA TYR C 233 -33.85 -15.17 2.01
C TYR C 233 -33.22 -14.53 0.80
N GLY C 234 -33.38 -15.16 -0.37
CA GLY C 234 -32.86 -14.56 -1.57
C GLY C 234 -33.68 -13.33 -1.89
N ASN C 235 -33.00 -12.28 -2.25
CA ASN C 235 -33.64 -11.02 -2.51
C ASN C 235 -34.52 -10.65 -1.36
N ALA C 236 -34.15 -11.05 -0.14
CA ALA C 236 -34.93 -10.74 1.05
C ALA C 236 -34.84 -9.22 1.23
N ILE C 237 -33.67 -8.69 0.94
CA ILE C 237 -33.40 -7.26 1.04
C ILE C 237 -33.74 -6.64 -0.32
N THR C 238 -34.94 -6.11 -0.43
CA THR C 238 -35.41 -5.46 -1.65
C THR C 238 -35.97 -4.10 -1.29
N VAL C 239 -35.61 -3.08 -2.07
CA VAL C 239 -36.06 -1.72 -1.83
C VAL C 239 -36.45 -1.01 -3.12
N ASN C 240 -37.42 -0.11 -3.02
CA ASN C 240 -37.85 0.68 -4.17
C ASN C 240 -36.79 1.73 -4.49
N GLN C 241 -36.62 2.03 -5.76
CA GLN C 241 -35.64 3.06 -6.14
C GLN C 241 -36.00 4.43 -5.55
N GLY C 242 -34.98 5.18 -5.18
CA GLY C 242 -35.15 6.48 -4.57
C GLY C 242 -35.39 6.39 -3.08
N ASP C 243 -35.34 5.18 -2.53
CA ASP C 243 -35.61 4.97 -1.11
C ASP C 243 -34.38 5.01 -0.22
N LYS C 244 -34.44 5.77 0.86
CA LYS C 244 -33.32 5.83 1.78
C LYS C 244 -33.25 4.46 2.46
N VAL C 245 -32.03 3.91 2.57
CA VAL C 245 -31.82 2.60 3.20
C VAL C 245 -30.81 2.73 4.33
N ARG C 246 -31.08 2.04 5.43
CA ARG C 246 -30.14 1.96 6.56
C ARG C 246 -29.81 0.49 6.79
N LEU C 247 -28.54 0.23 7.08
CA LEU C 247 -28.06 -1.13 7.29
C LEU C 247 -27.34 -1.24 8.63
N PHE C 248 -27.88 -2.10 9.50
CA PHE C 248 -27.23 -2.43 10.77
C PHE C 248 -26.32 -3.62 10.51
N PHE C 249 -25.01 -3.41 10.65
CA PHE C 249 -24.02 -4.42 10.26
C PHE C 249 -23.16 -4.86 11.44
N VAL C 250 -22.94 -6.17 11.58
CA VAL C 250 -22.01 -6.73 12.57
C VAL C 250 -20.96 -7.56 11.88
N ALA C 251 -19.76 -7.53 12.45
CA ALA C 251 -18.68 -8.41 12.04
C ALA C 251 -18.40 -9.37 13.18
N GLY C 252 -19.05 -10.54 13.13
CA GLY C 252 -18.88 -11.56 14.15
C GLY C 252 -17.48 -12.16 14.18
N GLY C 253 -16.86 -12.26 13.01
CA GLY C 253 -15.53 -12.83 12.89
C GLY C 253 -15.60 -14.34 12.98
N PRO C 254 -14.96 -14.96 13.97
CA PRO C 254 -14.31 -14.28 15.11
C PRO C 254 -12.91 -13.73 14.87
N ASN C 255 -12.38 -13.85 13.65
CA ASN C 255 -11.04 -13.35 13.35
C ASN C 255 -10.96 -12.31 12.24
N ILE C 256 -11.80 -12.42 11.22
CA ILE C 256 -11.66 -11.59 10.02
C ILE C 256 -12.70 -10.49 10.01
N GLY C 257 -12.22 -9.25 9.87
CA GLY C 257 -13.09 -8.09 9.73
C GLY C 257 -13.70 -8.08 8.35
N SER C 258 -14.56 -7.12 8.07
CA SER C 258 -15.20 -7.03 6.76
C SER C 258 -14.92 -5.72 6.05
N ASN C 259 -14.37 -5.81 4.85
CA ASN C 259 -14.24 -4.67 3.97
C ASN C 259 -15.56 -4.52 3.27
N PHE C 260 -16.58 -4.15 4.04
CA PHE C 260 -17.95 -4.12 3.54
C PHE C 260 -18.13 -3.08 2.43
N HIS C 261 -18.90 -3.47 1.43
CA HIS C 261 -19.19 -2.62 0.27
C HIS C 261 -20.36 -3.24 -0.49
N ILE C 262 -21.21 -2.40 -1.06
CA ILE C 262 -22.32 -2.87 -1.90
C ILE C 262 -22.12 -2.29 -3.30
N ILE C 263 -22.08 -3.17 -4.29
CA ILE C 263 -21.79 -2.76 -5.67
C ILE C 263 -22.85 -1.79 -6.18
N GLY C 264 -22.40 -0.77 -6.89
CA GLY C 264 -23.26 0.28 -7.44
C GLY C 264 -23.80 1.23 -6.41
N GLN C 265 -23.31 1.15 -5.17
CA GLN C 265 -23.86 1.92 -4.06
C GLN C 265 -22.77 2.74 -3.39
N ILE C 266 -23.17 3.90 -2.89
CA ILE C 266 -22.28 4.80 -2.13
C ILE C 266 -22.92 5.06 -0.77
N PHE C 267 -22.12 4.93 0.29
CA PHE C 267 -22.62 5.17 1.63
C PHE C 267 -22.58 6.65 1.93
N ASP C 268 -23.76 7.27 2.00
CA ASP C 268 -23.86 8.68 2.33
C ASP C 268 -23.40 8.96 3.74
N LYS C 269 -23.69 8.03 4.65
CA LYS C 269 -23.28 8.15 6.05
C LYS C 269 -22.75 6.82 6.56
N PHE C 270 -21.64 6.87 7.30
CA PHE C 270 -21.08 5.68 7.93
C PHE C 270 -20.62 6.00 9.34
N TYR C 271 -21.24 5.37 10.32
CA TYR C 271 -20.83 5.59 11.71
C TYR C 271 -20.64 4.27 12.46
N PRO C 272 -19.41 4.01 13.01
CA PRO C 272 -19.26 2.75 13.76
C PRO C 272 -19.67 2.92 15.18
N GLY C 273 -19.71 4.15 15.68
CA GLY C 273 -20.22 4.40 17.03
C GLY C 273 -21.21 5.53 17.04
N HIS C 274 -20.80 6.74 17.39
CA HIS C 274 -21.75 7.81 17.67
C HIS C 274 -22.32 8.28 16.34
N ARG C 275 -23.60 8.63 16.32
CA ARG C 275 -24.25 9.10 15.10
C ARG C 275 -23.57 10.34 14.54
N ARG C 276 -23.28 11.27 15.43
CA ARG C 276 -22.60 12.50 15.04
C ARG C 276 -21.24 12.32 14.38
N ASP C 277 -20.47 11.34 14.83
CA ASP C 277 -19.16 11.09 14.26
C ASP C 277 -19.28 10.08 13.14
N PHE C 278 -19.08 10.54 11.92
CA PHE C 278 -19.18 9.69 10.73
C PHE C 278 -18.41 10.26 9.57
N ILE C 279 -18.20 9.43 8.55
CA ILE C 279 -17.61 9.88 7.28
C ILE C 279 -18.67 9.85 6.20
N ARG C 280 -18.67 10.88 5.35
CA ARG C 280 -19.59 10.96 4.21
C ARG C 280 -18.98 10.38 2.96
N ASN C 281 -19.79 9.69 2.16
CA ASN C 281 -19.39 9.15 0.85
C ASN C 281 -18.32 8.04 0.87
N GLU C 282 -18.45 7.08 1.79
CA GLU C 282 -17.53 5.96 1.85
C GLU C 282 -17.98 4.90 0.85
N GLU C 283 -17.00 4.26 0.22
CA GLU C 283 -17.25 3.20 -0.76
C GLU C 283 -17.11 1.81 -0.12
N THR C 284 -16.05 1.63 0.65
CA THR C 284 -15.76 0.38 1.37
C THR C 284 -15.28 0.78 2.77
N ALA C 285 -15.92 0.23 3.80
CA ALA C 285 -15.58 0.52 5.20
C ALA C 285 -15.06 -0.74 5.88
N TYR C 286 -13.90 -0.65 6.53
CA TYR C 286 -13.36 -1.78 7.29
C TYR C 286 -14.06 -1.89 8.64
N ILE C 287 -14.81 -2.96 8.82
CA ILE C 287 -15.48 -3.27 10.09
C ILE C 287 -14.66 -4.35 10.79
N PRO C 288 -13.94 -3.99 11.87
CA PRO C 288 -13.11 -5.00 12.55
C PRO C 288 -13.95 -6.10 13.21
N PRO C 289 -13.40 -7.32 13.35
CA PRO C 289 -14.14 -8.35 14.07
C PRO C 289 -14.51 -7.87 15.47
N GLY C 290 -15.69 -8.27 15.94
CA GLY C 290 -16.20 -7.83 17.23
C GLY C 290 -16.58 -6.36 17.25
N SER C 291 -17.20 -5.91 16.18
CA SER C 291 -17.67 -4.55 16.07
C SER C 291 -18.89 -4.48 15.18
N ALA C 292 -19.76 -3.52 15.47
CA ALA C 292 -20.94 -3.25 14.68
C ALA C 292 -20.97 -1.79 14.28
N ALA C 293 -21.67 -1.51 13.19
CA ALA C 293 -21.71 -0.16 12.60
C ALA C 293 -22.99 0.07 11.81
N VAL C 294 -23.19 1.32 11.39
CA VAL C 294 -24.40 1.71 10.67
C VAL C 294 -24.00 2.30 9.32
N PHE C 295 -24.62 1.80 8.25
CA PHE C 295 -24.43 2.31 6.89
C PHE C 295 -25.74 2.94 6.41
N GLU C 296 -25.63 4.06 5.68
CA GLU C 296 -26.80 4.74 5.13
C GLU C 296 -26.53 5.12 3.67
N PHE C 297 -27.50 4.80 2.80
CA PHE C 297 -27.36 5.08 1.36
C PHE C 297 -28.71 5.17 0.66
N LYS C 298 -28.77 5.99 -0.39
CA LYS C 298 -29.96 6.11 -1.22
C LYS C 298 -29.87 5.14 -2.39
N ALA C 299 -30.97 4.42 -2.64
CA ALA C 299 -31.07 3.45 -3.73
C ALA C 299 -31.51 4.14 -5.03
N LEU C 300 -30.63 4.99 -5.57
CA LEU C 300 -30.92 5.80 -6.75
C LEU C 300 -30.88 5.02 -8.08
N ALA C 301 -30.28 3.82 -8.06
CA ALA C 301 -30.17 2.97 -9.25
C ALA C 301 -30.96 1.67 -9.09
N THR C 302 -31.68 1.28 -10.14
CA THR C 302 -32.52 0.08 -10.15
C THR C 302 -31.70 -1.15 -10.53
N GLY C 303 -32.28 -2.34 -10.31
CA GLY C 303 -31.66 -3.61 -10.69
C GLY C 303 -31.03 -4.36 -9.54
N ASP C 304 -30.25 -5.39 -9.88
CA ASP C 304 -29.58 -6.23 -8.89
C ASP C 304 -28.19 -5.69 -8.59
N PHE C 305 -27.77 -5.81 -7.34
CA PHE C 305 -26.47 -5.33 -6.89
C PHE C 305 -25.86 -6.28 -5.88
N LEU C 306 -24.58 -6.59 -6.04
CA LEU C 306 -23.92 -7.59 -5.22
C LEU C 306 -23.32 -7.00 -3.94
N ILE C 307 -23.77 -7.51 -2.80
CA ILE C 307 -23.27 -7.11 -1.48
C ILE C 307 -22.10 -8.01 -1.19
N VAL C 308 -20.94 -7.45 -0.90
CA VAL C 308 -19.77 -8.28 -0.68
C VAL C 308 -18.70 -7.64 0.19
N ASP C 309 -17.90 -8.48 0.83
CA ASP C 309 -16.64 -8.02 1.40
C ASP C 309 -15.78 -7.72 0.18
N HIS C 310 -14.97 -6.66 0.21
CA HIS C 310 -14.19 -6.33 -0.98
C HIS C 310 -12.86 -7.09 -1.09
N ALA C 311 -12.53 -7.92 -0.10
CA ALA C 311 -11.55 -8.97 -0.33
C ALA C 311 -12.26 -9.94 -1.26
N LEU C 312 -12.07 -9.77 -2.56
CA LEU C 312 -12.97 -10.38 -3.54
C LEU C 312 -12.97 -11.90 -3.61
N PHE C 313 -11.82 -12.53 -3.43
CA PHE C 313 -11.77 -14.00 -3.41
C PHE C 313 -12.57 -14.53 -2.22
N ARG C 314 -12.82 -13.64 -1.27
CA ARG C 314 -13.69 -13.92 -0.13
C ARG C 314 -15.12 -14.16 -0.59
N VAL C 315 -15.55 -13.46 -1.62
CA VAL C 315 -16.90 -13.60 -2.17
C VAL C 315 -17.19 -15.01 -2.69
N PRO C 316 -16.22 -15.62 -3.46
CA PRO C 316 -16.53 -17.00 -3.86
C PRO C 316 -16.76 -17.90 -2.66
N LYS C 317 -16.02 -17.64 -1.60
CA LYS C 317 -16.13 -18.41 -0.36
C LYS C 317 -17.46 -18.22 0.38
N GLY C 318 -18.25 -17.24 -0.05
CA GLY C 318 -19.58 -16.99 0.50
C GLY C 318 -19.83 -15.58 0.97
N ALA C 319 -18.81 -14.72 0.93
CA ALA C 319 -19.00 -13.29 1.23
C ALA C 319 -19.65 -12.58 0.03
N GLY C 320 -20.91 -12.97 -0.22
CA GLY C 320 -21.66 -12.54 -1.38
C GLY C 320 -23.14 -12.52 -1.07
N GLY C 321 -23.75 -11.36 -1.30
CA GLY C 321 -25.17 -11.16 -1.07
C GLY C 321 -25.78 -10.43 -2.26
N LEU C 322 -27.06 -10.07 -2.12
CA LEU C 322 -27.83 -9.54 -3.25
C LEU C 322 -28.85 -8.49 -2.78
N LEU C 323 -28.71 -7.28 -3.31
CA LEU C 323 -29.63 -6.17 -3.04
C LEU C 323 -30.45 -5.89 -4.29
N HIS C 324 -31.76 -5.78 -4.13
CA HIS C 324 -32.67 -5.53 -5.26
C HIS C 324 -33.32 -4.16 -5.17
N VAL C 325 -33.29 -3.44 -6.30
CA VAL C 325 -33.91 -2.12 -6.40
C VAL C 325 -34.89 -2.08 -7.57
N LYS C 326 -36.14 -1.74 -7.28
CA LYS C 326 -37.25 -1.76 -8.24
C LYS C 326 -37.72 -0.35 -8.59
N MET D 21 30.05 -12.44 27.80
CA MET D 21 29.34 -11.79 26.63
C MET D 21 27.80 -12.04 26.49
N VAL D 22 27.19 -12.84 27.38
CA VAL D 22 25.80 -13.31 27.24
C VAL D 22 24.96 -12.73 28.36
N ASP D 23 23.81 -12.16 27.98
CA ASP D 23 22.77 -11.73 28.92
C ASP D 23 21.45 -12.49 28.75
N VAL D 24 21.02 -13.17 29.81
CA VAL D 24 19.78 -13.96 29.77
C VAL D 24 18.95 -13.62 31.00
N ILE D 25 17.79 -13.02 30.78
CA ILE D 25 16.89 -12.57 31.85
C ILE D 25 15.55 -13.28 31.73
N SER D 26 14.74 -13.27 32.79
CA SER D 26 13.42 -13.91 32.79
C SER D 26 12.46 -13.38 31.71
N ASN D 27 12.32 -12.06 31.60
CA ASN D 27 11.39 -11.46 30.62
C ASN D 27 11.70 -9.99 30.31
N VAL D 28 11.16 -9.53 29.19
CA VAL D 28 11.29 -8.14 28.73
C VAL D 28 9.98 -7.37 28.89
N ALA D 29 9.05 -7.91 29.66
CA ALA D 29 7.75 -7.27 29.82
C ALA D 29 7.90 -5.83 30.30
N LYS D 30 7.09 -4.94 29.73
CA LYS D 30 7.08 -3.51 30.08
C LYS D 30 5.96 -3.20 31.05
N ASP D 31 6.28 -2.54 32.16
CA ASP D 31 5.28 -2.14 33.14
C ASP D 31 4.35 -1.15 32.45
N PRO D 32 3.03 -1.43 32.42
CA PRO D 32 2.15 -0.44 31.80
C PRO D 32 1.80 0.74 32.70
N ALA D 33 2.56 0.96 33.78
CA ALA D 33 2.44 2.13 34.63
C ALA D 33 3.70 3.02 34.65
N ASP D 34 4.83 2.50 34.15
CA ASP D 34 6.06 3.29 34.02
C ASP D 34 5.83 4.35 32.94
N ILE D 35 5.13 5.42 33.34
CA ILE D 35 4.73 6.48 32.42
C ILE D 35 5.24 7.82 32.93
N PRO D 36 5.80 8.66 32.02
CA PRO D 36 6.12 10.02 32.45
C PRO D 36 4.91 10.77 32.99
N GLY D 37 5.17 11.88 33.68
CA GLY D 37 4.12 12.68 34.32
C GLY D 37 3.28 13.48 33.33
N ARG D 38 2.03 13.73 33.72
CA ARG D 38 1.09 14.54 32.92
C ARG D 38 1.68 15.90 32.61
N ILE D 39 1.20 16.48 31.52
CA ILE D 39 1.65 17.79 31.08
C ILE D 39 0.54 18.82 31.34
N SER D 40 0.90 19.89 32.05
CA SER D 40 -0.03 20.97 32.40
C SER D 40 0.56 22.35 32.05
N ARG D 41 1.46 22.38 31.06
CA ARG D 41 2.21 23.59 30.71
C ARG D 41 1.95 23.96 29.26
N SER D 42 2.10 25.25 28.95
CA SER D 42 2.06 25.75 27.58
C SER D 42 3.41 26.27 27.08
N CYS D 43 4.37 26.46 28.00
CA CYS D 43 5.72 26.87 27.65
C CYS D 43 6.49 25.77 26.94
N PRO D 44 6.84 25.96 25.66
CA PRO D 44 7.70 24.95 25.05
C PRO D 44 9.01 24.77 25.82
N LYS D 45 9.60 23.59 25.69
CA LYS D 45 10.80 23.19 26.41
C LYS D 45 11.60 22.22 25.57
N THR D 46 12.84 21.96 26.00
CA THR D 46 13.69 20.95 25.37
C THR D 46 13.66 19.69 26.23
N VAL D 47 12.75 18.77 25.88
CA VAL D 47 12.61 17.50 26.59
C VAL D 47 13.66 16.55 26.03
N THR D 48 14.31 15.80 26.92
CA THR D 48 15.45 14.97 26.55
C THR D 48 15.37 13.59 27.21
N VAL D 49 15.56 12.54 26.41
CA VAL D 49 15.51 11.15 26.89
C VAL D 49 16.73 10.35 26.42
N ASN D 50 17.23 9.50 27.31
CA ASN D 50 18.41 8.68 27.05
C ASN D 50 17.99 7.22 26.84
N LEU D 51 18.21 6.73 25.62
CA LEU D 51 17.91 5.34 25.26
C LEU D 51 19.15 4.52 24.96
N VAL D 52 19.05 3.22 25.23
CA VAL D 52 20.14 2.27 24.99
C VAL D 52 19.59 0.97 24.37
N ALA D 53 20.00 0.68 23.13
CA ALA D 53 19.59 -0.53 22.41
C ALA D 53 20.24 -1.75 23.05
N LYS D 54 19.40 -2.71 23.49
CA LYS D 54 19.85 -3.86 24.28
C LYS D 54 19.38 -5.18 23.67
N GLU D 55 20.31 -5.97 23.13
CA GLU D 55 20.02 -7.33 22.70
C GLU D 55 20.03 -8.24 23.92
N VAL D 56 18.97 -9.03 24.08
CA VAL D 56 18.77 -9.82 25.30
C VAL D 56 18.08 -11.15 24.95
N VAL D 57 18.38 -12.19 25.72
CA VAL D 57 17.59 -13.43 25.67
C VAL D 57 16.65 -13.44 26.86
N ALA D 58 15.40 -13.83 26.62
CA ALA D 58 14.38 -13.89 27.67
C ALA D 58 13.19 -14.73 27.23
N ASP D 59 12.29 -15.01 28.17
CA ASP D 59 11.06 -15.74 27.85
C ASP D 59 10.12 -14.88 27.02
N LEU D 60 9.78 -15.34 25.82
CA LEU D 60 8.70 -14.73 25.06
C LEU D 60 7.41 -15.29 25.62
N ALA D 61 7.32 -16.63 25.61
CA ALA D 61 6.22 -17.35 26.22
C ALA D 61 6.79 -18.16 27.38
N PRO D 62 5.93 -18.72 28.26
CA PRO D 62 6.42 -19.64 29.27
C PRO D 62 7.13 -20.85 28.66
N GLY D 63 8.38 -21.07 29.07
CA GLY D 63 9.21 -22.16 28.56
C GLY D 63 9.90 -21.93 27.23
N LYS D 64 9.68 -20.76 26.61
CA LYS D 64 10.27 -20.43 25.32
C LYS D 64 11.17 -19.21 25.46
N LYS D 65 12.48 -19.42 25.33
CA LYS D 65 13.46 -18.32 25.38
C LYS D 65 13.62 -17.71 24.00
N PHE D 66 13.51 -16.39 23.91
CA PHE D 66 13.62 -15.68 22.64
C PHE D 66 14.72 -14.62 22.71
N TRP D 67 15.34 -14.37 21.54
CA TRP D 67 16.39 -13.37 21.41
C TRP D 67 15.78 -12.02 21.07
N PHE D 68 15.74 -11.13 22.05
CA PHE D 68 15.10 -9.83 21.88
C PHE D 68 16.07 -8.73 21.51
N TRP D 69 15.55 -7.75 20.79
CA TRP D 69 16.23 -6.51 20.48
C TRP D 69 15.29 -5.49 21.08
N THR D 70 15.73 -4.78 22.11
CA THR D 70 14.82 -3.90 22.85
C THR D 70 15.43 -2.53 23.04
N PHE D 71 14.59 -1.63 23.54
CA PHE D 71 15.02 -0.31 23.96
C PHE D 71 14.91 -0.25 25.47
N ALA D 72 15.85 0.46 26.10
CA ALA D 72 15.83 0.69 27.54
C ALA D 72 16.07 2.15 27.83
N GLU D 73 15.45 2.66 28.89
CA GLU D 73 15.57 4.08 29.25
C GLU D 73 16.62 4.26 30.34
N LYS D 74 17.56 5.16 30.07
CA LYS D 74 18.63 5.48 31.00
C LYS D 74 18.27 6.75 31.75
N LYS D 75 18.00 6.61 33.05
CA LYS D 75 17.76 7.75 33.93
C LYS D 75 18.97 7.93 34.83
N GLY D 76 19.67 9.04 34.65
CA GLY D 76 20.92 9.32 35.37
C GLY D 76 22.03 8.39 34.90
N ASP D 77 22.81 7.86 35.83
CA ASP D 77 23.84 6.87 35.53
C ASP D 77 23.28 5.46 35.30
N THR D 78 22.14 5.20 35.93
CA THR D 78 21.50 3.90 35.88
C THR D 78 20.68 3.69 34.60
N VAL D 79 20.71 2.45 34.08
CA VAL D 79 19.94 2.03 32.88
C VAL D 79 19.04 0.82 33.14
N GLY D 80 18.27 0.46 32.11
CA GLY D 80 17.40 -0.70 32.18
C GLY D 80 16.12 -0.38 32.95
N PRO D 81 15.16 -1.31 32.97
CA PRO D 81 15.24 -2.61 32.31
C PRO D 81 14.96 -2.54 30.81
N ALA D 82 15.27 -3.64 30.13
CA ALA D 82 15.04 -3.78 28.70
C ALA D 82 13.63 -4.30 28.51
N THR D 83 12.84 -3.62 27.66
CA THR D 83 11.42 -3.98 27.51
C THR D 83 10.85 -3.90 26.09
N VAL D 84 9.69 -4.55 25.93
CA VAL D 84 8.89 -4.50 24.71
C VAL D 84 7.42 -4.28 25.12
N PRO D 85 6.77 -3.18 24.70
CA PRO D 85 7.38 -2.12 23.91
C PRO D 85 8.42 -1.32 24.68
N GLY D 86 9.21 -0.53 23.96
CA GLY D 86 10.22 0.33 24.56
C GLY D 86 9.63 1.38 25.49
N PRO D 87 10.48 2.24 26.06
CA PRO D 87 10.01 3.26 26.99
C PRO D 87 9.10 4.30 26.33
N MET D 88 8.06 4.71 27.03
CA MET D 88 7.16 5.74 26.51
C MET D 88 7.81 7.11 26.63
N VAL D 89 7.89 7.80 25.50
CA VAL D 89 8.34 9.19 25.44
C VAL D 89 7.08 10.06 25.48
N ARG D 90 7.20 11.23 26.12
CA ARG D 90 6.05 12.12 26.31
C ARG D 90 6.48 13.57 26.30
N VAL D 91 5.95 14.31 25.32
CA VAL D 91 6.31 15.72 25.11
C VAL D 91 5.08 16.56 24.79
N MET D 92 5.29 17.86 24.63
CA MET D 92 4.24 18.81 24.27
C MET D 92 4.51 19.33 22.85
N GLU D 93 3.44 19.75 22.14
CA GLU D 93 3.57 20.27 20.78
C GLU D 93 4.30 21.61 20.79
N GLY D 94 5.43 21.67 20.10
CA GLY D 94 6.29 22.86 20.08
C GLY D 94 7.55 22.69 20.90
N ASP D 95 7.62 21.63 21.71
CA ASP D 95 8.86 21.26 22.39
C ASP D 95 9.94 20.90 21.38
N THR D 96 11.17 20.83 21.88
CA THR D 96 12.31 20.36 21.12
C THR D 96 12.72 19.04 21.76
N VAL D 97 12.76 17.97 20.97
CA VAL D 97 12.94 16.63 21.52
C VAL D 97 14.35 16.10 21.21
N VAL D 98 15.05 15.69 22.25
CA VAL D 98 16.42 15.20 22.14
C VAL D 98 16.49 13.76 22.66
N ILE D 99 16.79 12.84 21.76
CA ILE D 99 16.94 11.43 22.13
C ILE D 99 18.39 11.04 21.92
N ASN D 100 19.08 10.70 23.01
CA ASN D 100 20.44 10.17 22.92
C ASN D 100 20.30 8.66 22.88
N LEU D 101 20.64 8.04 21.74
CA LEU D 101 20.64 6.58 21.63
C LEU D 101 22.04 6.05 21.80
N THR D 102 22.15 4.99 22.60
CA THR D 102 23.39 4.25 22.76
C THR D 102 23.18 2.81 22.34
N ASN D 103 24.15 2.25 21.62
CA ASN D 103 24.14 0.84 21.25
C ASN D 103 25.15 0.13 22.14
N ASP D 104 24.66 -0.68 23.08
CA ASP D 104 25.52 -1.41 24.04
C ASP D 104 26.68 -2.11 23.32
N LEU D 105 27.77 -2.30 24.06
CA LEU D 105 29.01 -2.88 23.53
C LEU D 105 28.87 -4.38 23.24
N HIS D 106 28.01 -5.04 24.01
CA HIS D 106 27.80 -6.49 23.88
C HIS D 106 26.76 -6.87 22.83
N ASN D 107 26.28 -5.89 22.07
CA ASN D 107 25.31 -6.17 20.99
C ASN D 107 26.04 -6.67 19.74
N GLU D 108 25.25 -7.22 18.83
CA GLU D 108 25.74 -7.77 17.57
C GLU D 108 25.37 -6.81 16.44
N GLU D 109 24.09 -6.70 16.13
CA GLU D 109 23.63 -5.91 14.98
C GLU D 109 23.63 -4.42 15.33
N PRO D 110 23.85 -3.54 14.33
CA PRO D 110 23.76 -2.09 14.56
C PRO D 110 22.30 -1.65 14.70
N HIS D 111 22.08 -0.44 15.22
CA HIS D 111 20.73 0.06 15.44
C HIS D 111 20.61 1.58 15.20
N ASN D 112 19.38 2.09 15.23
CA ASN D 112 19.07 3.51 15.04
C ASN D 112 17.61 3.81 15.42
N LEU D 113 17.24 5.08 15.41
CA LEU D 113 15.88 5.51 15.73
C LEU D 113 15.11 5.98 14.49
N ASP D 114 13.80 5.93 14.59
CA ASP D 114 12.88 6.46 13.58
C ASP D 114 11.58 6.90 14.27
N PHE D 115 11.42 8.21 14.43
CA PHE D 115 10.25 8.73 15.13
C PHE D 115 9.20 9.19 14.11
N HIS D 116 8.00 8.60 14.21
CA HIS D 116 6.86 9.02 13.40
C HIS D 116 6.33 10.41 13.80
N ALA D 117 6.66 10.86 15.01
CA ALA D 117 6.27 12.19 15.51
C ALA D 117 7.02 13.37 14.89
N GLY D 118 8.11 13.11 14.15
CA GLY D 118 8.95 14.15 13.57
C GLY D 118 9.15 14.07 12.07
N PHE D 119 9.43 15.22 11.46
CA PHE D 119 9.67 15.31 10.02
C PHE D 119 11.12 14.97 9.73
N GLY D 120 11.34 13.87 9.02
CA GLY D 120 12.66 13.33 8.77
C GLY D 120 13.42 13.14 10.08
N ALA D 121 12.76 12.48 11.03
CA ALA D 121 13.32 12.24 12.36
C ALA D 121 13.86 10.80 12.45
N MET D 122 14.90 10.55 11.67
CA MET D 122 15.61 9.27 11.68
C MET D 122 17.09 9.52 11.97
N LEU D 123 17.68 8.67 12.79
CA LEU D 123 19.11 8.71 13.06
C LEU D 123 19.87 7.95 11.97
N MET D 124 21.19 7.90 12.11
CA MET D 124 22.03 7.04 11.28
C MET D 124 22.51 5.84 12.11
N ASP D 125 22.65 4.71 11.44
CA ASP D 125 23.01 3.44 12.09
C ASP D 125 24.26 3.63 12.96
N ILE D 126 24.10 3.39 14.26
CA ILE D 126 25.21 3.50 15.19
C ILE D 126 25.73 2.10 15.54
N GLU D 127 27.05 1.95 15.60
CA GLU D 127 27.68 0.64 15.80
C GLU D 127 27.70 0.31 17.31
N PRO D 128 27.72 -0.99 17.66
CA PRO D 128 27.77 -1.34 19.08
C PRO D 128 28.95 -0.66 19.80
N GLY D 129 28.63 0.18 20.77
CA GLY D 129 29.62 0.96 21.52
C GLY D 129 29.47 2.46 21.32
N GLU D 130 29.24 2.86 20.07
CA GLU D 130 29.08 4.28 19.71
C GLU D 130 27.71 4.80 20.21
N THR D 131 27.62 6.12 20.37
CA THR D 131 26.41 6.78 20.87
C THR D 131 26.16 8.07 20.10
N ASP D 132 24.96 8.22 19.55
CA ASP D 132 24.57 9.44 18.81
C ASP D 132 23.30 10.05 19.41
N THR D 133 23.11 11.34 19.12
CA THR D 133 21.95 12.09 19.56
C THR D 133 21.05 12.49 18.40
N LEU D 134 19.74 12.28 18.59
CA LEU D 134 18.70 12.70 17.64
C LEU D 134 17.96 13.90 18.20
N THR D 135 18.05 15.03 17.52
CA THR D 135 17.28 16.22 17.85
C THR D 135 16.19 16.46 16.80
N PHE D 136 14.98 16.73 17.27
CA PHE D 136 13.86 17.09 16.38
C PHE D 136 12.78 17.89 17.11
N LYS D 137 12.06 18.71 16.35
CA LYS D 137 10.95 19.51 16.89
C LYS D 137 9.64 18.77 16.68
N ALA D 138 8.83 18.66 17.73
CA ALA D 138 7.52 18.00 17.67
C ALA D 138 6.45 19.05 17.36
N LYS D 139 6.14 19.22 16.08
CA LYS D 139 5.22 20.29 15.64
C LYS D 139 3.87 19.75 15.13
N ARG D 140 3.62 18.46 15.33
CA ARG D 140 2.29 17.88 15.09
C ARG D 140 1.92 17.00 16.28
N GLU D 141 0.80 17.33 16.92
CA GLU D 141 0.33 16.60 18.10
C GLU D 141 -0.27 15.26 17.72
N GLY D 142 -0.22 14.32 18.66
CA GLY D 142 -0.79 12.98 18.49
C GLY D 142 0.03 11.89 19.14
N ALA D 143 -0.51 10.68 19.10
CA ALA D 143 0.19 9.48 19.54
C ALA D 143 0.86 8.85 18.33
N TYR D 144 2.18 8.66 18.42
CA TYR D 144 2.95 8.05 17.34
C TYR D 144 3.81 6.87 17.81
N ILE D 145 4.23 6.05 16.84
CA ILE D 145 5.17 4.95 17.08
C ILE D 145 6.58 5.40 16.73
N TYR D 146 7.55 4.89 17.47
CA TYR D 146 8.97 5.01 17.11
C TYR D 146 9.60 3.61 17.09
N HIS D 147 10.62 3.43 16.25
CA HIS D 147 11.26 2.11 16.12
C HIS D 147 12.69 2.12 15.56
N CYS D 148 13.31 0.95 15.59
CA CYS D 148 14.63 0.74 15.02
C CYS D 148 14.49 0.40 13.54
N GLY D 149 15.09 1.22 12.68
CA GLY D 149 15.04 1.03 11.22
C GLY D 149 16.40 0.76 10.57
N ALA D 150 17.35 0.27 11.36
CA ALA D 150 18.74 0.16 10.93
C ALA D 150 18.97 -0.86 9.83
N GLU D 151 20.07 -0.68 9.09
CA GLU D 151 20.45 -1.56 7.99
C GLU D 151 19.42 -1.59 6.86
N GLY D 152 18.60 -0.54 6.77
CA GLY D 152 17.50 -0.49 5.81
C GLY D 152 16.52 -1.64 5.88
N MET D 153 16.47 -2.31 7.04
CA MET D 153 15.62 -3.48 7.24
C MET D 153 14.73 -3.24 8.46
N PRO D 154 13.80 -2.26 8.36
CA PRO D 154 12.95 -2.01 9.52
C PRO D 154 12.10 -3.22 9.94
N TRP D 155 11.76 -4.08 8.99
CA TRP D 155 11.02 -5.33 9.27
C TRP D 155 11.73 -6.25 10.27
N GLU D 156 13.03 -6.46 10.07
CA GLU D 156 13.79 -7.37 10.92
C GLU D 156 13.96 -6.79 12.32
N HIS D 157 14.26 -5.49 12.39
CA HIS D 157 14.50 -4.80 13.66
C HIS D 157 13.25 -4.65 14.52
N VAL D 158 12.12 -4.33 13.89
CA VAL D 158 10.85 -4.21 14.61
C VAL D 158 10.40 -5.61 15.07
N ALA D 159 10.53 -6.60 14.18
CA ALA D 159 10.17 -8.01 14.48
C ALA D 159 10.78 -8.56 15.77
N TYR D 160 12.00 -8.12 16.09
CA TYR D 160 12.69 -8.50 17.33
C TYR D 160 12.29 -7.70 18.59
N GLY D 161 11.43 -6.68 18.43
CA GLY D 161 10.87 -5.94 19.56
C GLY D 161 11.33 -4.50 19.73
N MET D 162 12.01 -3.95 18.72
CA MET D 162 12.53 -2.58 18.82
C MET D 162 11.46 -1.56 18.38
N TYR D 163 10.43 -1.39 19.21
CA TYR D 163 9.37 -0.42 18.96
C TYR D 163 8.77 0.14 20.25
N GLY D 164 8.52 1.45 20.26
CA GLY D 164 7.88 2.13 21.38
C GLY D 164 6.96 3.25 20.95
N LEU D 165 6.27 3.83 21.92
CA LEU D 165 5.27 4.87 21.68
C LEU D 165 5.77 6.23 22.14
N ILE D 166 5.57 7.24 21.29
CA ILE D 166 5.75 8.65 21.67
C ILE D 166 4.42 9.38 21.50
N VAL D 167 4.08 10.21 22.48
CA VAL D 167 2.88 11.06 22.38
C VAL D 167 3.30 12.52 22.44
N VAL D 168 2.79 13.30 21.49
CA VAL D 168 2.94 14.75 21.49
C VAL D 168 1.61 15.34 21.92
N GLU D 169 1.52 15.79 23.16
CA GLU D 169 0.28 16.38 23.68
C GLU D 169 0.14 17.81 23.16
N PRO D 170 -1.10 18.31 23.04
CA PRO D 170 -1.27 19.72 22.68
C PRO D 170 -0.77 20.65 23.79
N LYS D 171 -0.78 21.95 23.52
CA LYS D 171 -0.38 22.94 24.52
C LYS D 171 -1.44 22.97 25.62
N GLY D 172 -1.00 22.84 26.85
CA GLY D 172 -1.89 22.66 28.01
C GLY D 172 -2.03 21.22 28.43
N GLY D 173 -1.68 20.30 27.52
CA GLY D 173 -1.80 18.87 27.74
C GLY D 173 -3.20 18.37 27.47
N LEU D 174 -3.32 17.06 27.37
CA LEU D 174 -4.61 16.41 27.17
C LEU D 174 -5.43 16.57 28.44
N SER D 175 -6.75 16.44 28.32
CA SER D 175 -7.63 16.54 29.49
C SER D 175 -7.14 15.57 30.56
N ARG D 176 -7.04 16.04 31.81
CA ARG D 176 -6.48 15.20 32.93
C ARG D 176 -7.42 14.02 33.22
N VAL D 177 -6.81 12.89 33.52
CA VAL D 177 -7.52 11.65 33.81
C VAL D 177 -7.06 11.08 35.15
N ASP D 178 -7.85 10.20 35.76
CA ASP D 178 -7.47 9.59 37.04
C ASP D 178 -6.29 8.63 36.90
N LYS D 179 -6.40 7.67 35.98
CA LYS D 179 -5.34 6.67 35.74
C LYS D 179 -4.98 6.60 34.25
N GLU D 180 -3.70 6.35 33.98
CA GLU D 180 -3.18 6.28 32.62
C GLU D 180 -2.25 5.08 32.45
N PHE D 181 -2.33 4.42 31.30
CA PHE D 181 -1.53 3.21 31.03
C PHE D 181 -1.00 3.15 29.61
N TYR D 182 -0.05 2.23 29.39
CA TYR D 182 0.70 2.11 28.15
C TYR D 182 0.76 0.64 27.73
N ILE D 183 0.21 0.35 26.56
CA ILE D 183 0.19 -1.01 26.03
C ILE D 183 0.71 -1.04 24.59
N GLY D 184 1.69 -1.92 24.35
CA GLY D 184 2.15 -2.24 23.00
C GLY D 184 1.82 -3.67 22.60
N GLN D 185 1.08 -3.83 21.50
CA GLN D 185 0.79 -5.16 20.95
C GLN D 185 1.81 -5.52 19.88
N GLY D 186 2.13 -6.81 19.80
CA GLY D 186 2.98 -7.36 18.74
C GLY D 186 2.75 -8.84 18.50
N GLU D 187 3.15 -9.31 17.31
CA GLU D 187 3.11 -10.73 16.95
C GLU D 187 4.50 -11.24 16.68
N TRP D 188 4.70 -12.54 16.89
CA TRP D 188 6.03 -13.15 16.83
C TRP D 188 6.06 -14.44 16.02
N TYR D 189 7.13 -14.59 15.25
CA TYR D 189 7.36 -15.77 14.43
C TYR D 189 8.69 -16.33 14.93
N ILE D 190 8.66 -17.56 15.44
CA ILE D 190 9.85 -18.11 16.14
C ILE D 190 10.44 -19.34 15.46
N LYS D 191 11.76 -19.38 15.41
CA LYS D 191 12.52 -20.46 14.76
C LYS D 191 13.33 -21.13 15.89
N PRO D 192 13.62 -22.45 15.84
CA PRO D 192 14.20 -23.06 17.05
C PRO D 192 15.58 -22.58 17.48
N GLY D 193 16.51 -22.30 16.57
CA GLY D 193 17.90 -21.91 17.02
C GLY D 193 18.40 -20.51 16.63
N ILE D 194 19.13 -19.85 17.53
CA ILE D 194 19.65 -18.51 17.28
C ILE D 194 20.93 -18.68 16.46
N GLU D 195 21.11 -17.86 15.43
CA GLU D 195 22.33 -17.89 14.61
C GLU D 195 23.62 -17.55 15.36
N ASP D 196 23.48 -16.61 16.29
CA ASP D 196 24.53 -16.23 17.27
C ASP D 196 24.17 -16.88 18.60
N HIS D 197 25.10 -17.05 19.52
CA HIS D 197 24.77 -17.71 20.77
C HIS D 197 24.16 -19.11 20.54
N PRO D 198 24.79 -19.92 19.69
CA PRO D 198 24.19 -21.26 19.46
C PRO D 198 24.00 -22.10 20.72
N HIS D 199 24.79 -21.84 21.74
CA HIS D 199 24.65 -22.53 23.02
C HIS D 199 23.26 -22.35 23.67
N ILE D 200 22.64 -21.20 23.45
CA ILE D 200 21.41 -20.85 24.16
C ILE D 200 20.19 -21.82 24.02
N ARG D 201 19.95 -22.39 22.85
CA ARG D 201 18.81 -23.32 22.67
C ARG D 201 17.44 -22.67 23.00
N GLY D 202 17.23 -21.55 22.34
CA GLY D 202 16.01 -20.75 22.45
C GLY D 202 15.27 -20.67 21.16
N TYR D 203 14.92 -19.47 20.76
CA TYR D 203 14.37 -19.25 19.43
C TYR D 203 14.86 -17.97 18.79
N SER D 204 14.92 -17.98 17.46
CA SER D 204 15.25 -16.79 16.67
C SER D 204 14.15 -16.49 15.64
N LEU D 205 14.21 -15.29 15.05
CA LEU D 205 13.22 -14.83 14.07
C LEU D 205 13.10 -15.81 12.90
N ASP D 206 11.89 -16.04 12.42
CA ASP D 206 11.61 -16.90 11.29
C ASP D 206 11.16 -16.12 10.04
N GLU D 207 12.12 -15.87 9.15
CA GLU D 207 11.87 -15.10 7.93
C GLU D 207 10.62 -15.60 7.20
N ASP D 208 10.52 -16.91 7.04
CA ASP D 208 9.44 -17.54 6.28
C ASP D 208 8.08 -17.28 6.93
N LYS D 209 7.91 -17.70 8.18
CA LYS D 209 6.68 -17.46 8.94
C LYS D 209 6.33 -15.96 8.98
N ALA D 210 7.35 -15.13 9.16
CA ALA D 210 7.20 -13.67 9.12
C ALA D 210 6.73 -13.13 7.78
N LEU D 211 7.38 -13.55 6.70
CA LEU D 211 7.00 -13.16 5.33
C LEU D 211 5.59 -13.61 4.96
N ALA D 212 5.18 -14.78 5.46
CA ALA D 212 3.84 -15.33 5.23
C ALA D 212 2.77 -14.78 6.18
N GLU D 213 3.16 -13.93 7.14
CA GLU D 213 2.26 -13.34 8.13
C GLU D 213 1.48 -14.37 8.94
N HIS D 214 2.16 -15.45 9.33
CA HIS D 214 1.57 -16.53 10.14
C HIS D 214 2.29 -16.64 11.48
N PRO D 215 1.93 -15.76 12.44
CA PRO D 215 2.59 -15.74 13.74
C PRO D 215 2.16 -16.88 14.64
N ASP D 216 3.04 -17.20 15.59
CA ASP D 216 2.83 -18.29 16.53
C ASP D 216 2.23 -17.74 17.80
N TYR D 217 2.86 -16.70 18.34
CA TYR D 217 2.40 -16.03 19.56
C TYR D 217 2.10 -14.56 19.33
N PHE D 218 1.22 -14.03 20.17
CA PHE D 218 0.87 -12.62 20.20
C PHE D 218 1.24 -12.15 21.59
N THR D 219 1.79 -10.94 21.70
CA THR D 219 2.19 -10.45 23.03
C THR D 219 1.69 -9.05 23.36
N PHE D 220 1.31 -8.85 24.62
CA PHE D 220 0.99 -7.53 25.13
C PHE D 220 2.14 -7.18 26.03
N ASN D 221 2.81 -6.06 25.73
CA ASN D 221 3.93 -5.58 26.55
C ASN D 221 5.09 -6.55 26.68
N GLY D 222 5.40 -7.25 25.59
CA GLY D 222 6.57 -8.11 25.49
C GLY D 222 6.53 -9.53 26.03
N HIS D 223 5.40 -9.99 26.55
CA HIS D 223 5.31 -11.34 27.08
C HIS D 223 3.94 -11.92 26.83
N THR D 224 3.86 -13.23 26.63
CA THR D 224 2.59 -13.87 26.34
C THR D 224 1.65 -13.74 27.54
N GLN D 225 2.18 -14.04 28.72
CA GLN D 225 1.43 -13.91 29.97
C GLN D 225 1.56 -12.58 30.68
N ALA D 226 2.26 -11.62 30.09
CA ALA D 226 2.32 -10.28 30.70
C ALA D 226 0.91 -9.67 30.71
N LEU D 227 0.53 -9.05 31.84
CA LEU D 227 -0.79 -8.50 32.05
C LEU D 227 -1.78 -9.59 32.44
N MET D 228 -1.34 -10.83 32.38
CA MET D 228 -2.14 -11.97 32.77
C MET D 228 -1.59 -12.66 34.00
N ASP D 229 -0.32 -12.38 34.31
CA ASP D 229 0.33 -13.00 35.43
C ASP D 229 0.66 -12.02 36.54
N PRO D 230 0.25 -12.32 37.80
CA PRO D 230 0.65 -11.39 38.85
C PRO D 230 2.15 -11.25 38.95
N SER D 231 2.86 -12.35 38.78
CA SER D 231 4.33 -12.31 38.82
C SER D 231 4.93 -11.41 37.76
N ILE D 232 4.31 -11.33 36.61
CA ILE D 232 4.77 -10.47 35.51
C ILE D 232 3.76 -9.40 35.10
N TYR D 233 3.58 -8.40 35.96
CA TYR D 233 2.67 -7.29 35.71
C TYR D 233 1.20 -7.72 35.49
N GLY D 234 0.86 -8.91 36.06
CA GLY D 234 -0.48 -9.40 36.02
C GLY D 234 -1.12 -8.53 37.08
N ASN D 235 -2.31 -8.03 36.78
CA ASN D 235 -2.99 -7.17 37.68
C ASN D 235 -2.29 -5.83 37.82
N ALA D 236 -1.38 -5.53 36.90
CA ALA D 236 -0.61 -4.28 36.96
C ALA D 236 -1.55 -3.10 36.67
N ILE D 237 -2.47 -3.30 35.75
CA ILE D 237 -3.50 -2.29 35.43
C ILE D 237 -4.71 -2.41 36.33
N THR D 238 -4.75 -1.57 37.35
CA THR D 238 -5.82 -1.55 38.30
C THR D 238 -6.29 -0.14 38.53
N VAL D 239 -7.60 0.06 38.48
CA VAL D 239 -8.20 1.38 38.66
C VAL D 239 -9.44 1.32 39.56
N ASN D 240 -9.69 2.40 40.29
CA ASN D 240 -10.87 2.49 41.13
C ASN D 240 -12.08 2.74 40.28
N GLN D 241 -13.21 2.20 40.71
CA GLN D 241 -14.48 2.37 40.03
C GLN D 241 -14.86 3.85 39.93
N GLY D 242 -15.43 4.23 38.79
CA GLY D 242 -15.81 5.61 38.52
C GLY D 242 -14.65 6.47 38.07
N ASP D 243 -13.48 5.87 37.89
CA ASP D 243 -12.31 6.62 37.44
C ASP D 243 -12.35 6.79 35.93
N LYS D 244 -11.82 7.91 35.47
CA LYS D 244 -11.50 8.10 34.07
C LYS D 244 -10.15 7.48 33.79
N VAL D 245 -10.07 6.70 32.72
CA VAL D 245 -8.83 6.00 32.33
C VAL D 245 -8.44 6.41 30.91
N ARG D 246 -7.14 6.62 30.71
CA ARG D 246 -6.58 6.89 29.38
C ARG D 246 -5.56 5.81 29.07
N LEU D 247 -5.56 5.35 27.82
CA LEU D 247 -4.65 4.29 27.41
C LEU D 247 -3.86 4.72 26.17
N PHE D 248 -2.54 4.77 26.32
CA PHE D 248 -1.64 5.02 25.20
C PHE D 248 -1.29 3.67 24.59
N PHE D 249 -1.71 3.45 23.34
CA PHE D 249 -1.60 2.15 22.69
C PHE D 249 -0.76 2.20 21.43
N VAL D 250 0.13 1.23 21.27
CA VAL D 250 0.92 1.06 20.03
C VAL D 250 0.70 -0.32 19.46
N ALA D 251 0.71 -0.38 18.13
CA ALA D 251 0.70 -1.64 17.41
C ALA D 251 2.05 -1.80 16.72
N GLY D 252 2.97 -2.48 17.40
CA GLY D 252 4.30 -2.72 16.86
C GLY D 252 4.30 -3.62 15.65
N GLY D 253 3.39 -4.57 15.62
CA GLY D 253 3.28 -5.53 14.52
C GLY D 253 4.38 -6.58 14.65
N PRO D 254 5.29 -6.69 13.68
CA PRO D 254 5.42 -5.75 12.53
C PRO D 254 4.48 -5.96 11.35
N ASN D 255 3.55 -6.91 11.44
CA ASN D 255 2.60 -7.19 10.34
C ASN D 255 1.12 -7.08 10.70
N ILE D 256 0.74 -7.46 11.92
CA ILE D 256 -0.66 -7.58 12.27
C ILE D 256 -1.09 -6.40 13.13
N GLY D 257 -2.15 -5.73 12.68
CA GLY D 257 -2.75 -4.64 13.43
C GLY D 257 -3.53 -5.21 14.58
N SER D 258 -4.11 -4.35 15.40
CA SER D 258 -4.87 -4.82 16.55
C SER D 258 -6.31 -4.35 16.50
N ASN D 259 -7.24 -5.29 16.58
CA ASN D 259 -8.65 -4.97 16.77
C ASN D 259 -8.86 -4.81 18.26
N PHE D 260 -8.27 -3.75 18.80
CA PHE D 260 -8.22 -3.55 20.25
C PHE D 260 -9.61 -3.34 20.84
N HIS D 261 -9.82 -3.94 22.01
CA HIS D 261 -11.08 -3.88 22.72
C HIS D 261 -10.86 -4.37 24.14
N ILE D 262 -11.57 -3.78 25.10
CA ILE D 262 -11.52 -4.24 26.48
C ILE D 262 -12.92 -4.67 26.88
N ILE D 263 -13.03 -5.91 27.35
CA ILE D 263 -14.33 -6.49 27.69
C ILE D 263 -15.01 -5.70 28.80
N GLY D 264 -16.31 -5.49 28.64
CA GLY D 264 -17.09 -4.74 29.60
C GLY D 264 -16.74 -3.26 29.61
N GLN D 265 -16.09 -2.78 28.55
CA GLN D 265 -15.71 -1.37 28.48
C GLN D 265 -16.09 -0.73 27.16
N ILE D 266 -16.40 0.55 27.23
CA ILE D 266 -16.75 1.34 26.04
C ILE D 266 -15.81 2.52 25.98
N PHE D 267 -15.25 2.76 24.80
CA PHE D 267 -14.32 3.89 24.64
C PHE D 267 -15.10 5.17 24.36
N ASP D 268 -15.10 6.06 25.34
CA ASP D 268 -15.80 7.35 25.20
C ASP D 268 -15.14 8.21 24.14
N LYS D 269 -13.81 8.12 24.05
CA LYS D 269 -13.06 8.86 23.04
C LYS D 269 -11.97 7.99 22.43
N PHE D 270 -11.81 8.08 21.12
CA PHE D 270 -10.75 7.37 20.42
C PHE D 270 -10.13 8.25 19.35
N TYR D 271 -8.85 8.57 19.49
CA TYR D 271 -8.17 9.39 18.47
C TYR D 271 -6.83 8.77 18.07
N PRO D 272 -6.59 8.54 16.75
CA PRO D 272 -5.30 7.91 16.37
C PRO D 272 -4.02 8.78 16.23
N GLY D 273 -4.06 10.06 15.88
CA GLY D 273 -5.21 10.93 15.87
C GLY D 273 -4.75 12.28 16.44
N HIS D 274 -5.49 13.28 16.01
CA HIS D 274 -5.47 14.59 16.57
C HIS D 274 -6.56 14.62 17.63
N ARG D 275 -6.26 15.19 18.77
CA ARG D 275 -7.17 15.05 19.90
C ARG D 275 -8.61 15.44 19.58
N ARG D 276 -8.74 16.44 18.70
CA ARG D 276 -10.04 16.91 18.13
C ARG D 276 -10.75 16.00 17.13
N ASP D 277 -9.99 15.25 16.33
CA ASP D 277 -10.57 14.29 15.43
C ASP D 277 -10.64 12.92 16.10
N PHE D 278 -11.85 12.53 16.48
CA PHE D 278 -12.08 11.27 17.21
C PHE D 278 -13.48 10.77 16.98
N ILE D 279 -13.69 9.50 17.31
CA ILE D 279 -15.03 8.91 17.31
C ILE D 279 -15.45 8.61 18.75
N ARG D 280 -16.72 8.91 19.06
CA ARG D 280 -17.27 8.64 20.39
C ARG D 280 -17.94 7.27 20.43
N ASN D 281 -17.78 6.58 21.56
CA ASN D 281 -18.44 5.30 21.83
C ASN D 281 -18.00 4.12 20.93
N GLU D 282 -16.69 3.99 20.72
CA GLU D 282 -16.19 2.86 19.94
C GLU D 282 -16.04 1.65 20.86
N GLU D 283 -16.33 0.48 20.31
CA GLU D 283 -16.22 -0.78 21.05
C GLU D 283 -14.90 -1.50 20.74
N THR D 284 -14.57 -1.57 19.45
CA THR D 284 -13.34 -2.18 18.97
C THR D 284 -12.78 -1.26 17.88
N ALA D 285 -11.52 -0.87 18.03
CA ALA D 285 -10.85 0.03 17.07
C ALA D 285 -9.69 -0.68 16.39
N TYR D 286 -9.64 -0.64 15.06
CA TYR D 286 -8.53 -1.23 14.33
C TYR D 286 -7.32 -0.30 14.34
N ILE D 287 -6.27 -0.75 15.03
CA ILE D 287 -5.00 -0.03 15.07
C ILE D 287 -4.03 -0.71 14.10
N PRO D 288 -3.73 -0.06 12.95
CA PRO D 288 -2.85 -0.71 11.98
C PRO D 288 -1.41 -0.85 12.51
N PRO D 289 -0.67 -1.88 12.03
CA PRO D 289 0.72 -1.97 12.46
C PRO D 289 1.48 -0.70 12.12
N GLY D 290 2.41 -0.33 12.99
CA GLY D 290 3.16 0.91 12.84
C GLY D 290 2.31 2.14 13.07
N SER D 291 1.46 2.08 14.07
CA SER D 291 0.62 3.20 14.44
C SER D 291 0.31 3.15 15.93
N ALA D 292 0.13 4.33 16.50
CA ALA D 292 -0.24 4.49 17.89
C ALA D 292 -1.50 5.36 17.99
N ALA D 293 -2.22 5.19 19.10
CA ALA D 293 -3.51 5.87 19.31
C ALA D 293 -3.82 6.04 20.79
N VAL D 294 -4.88 6.78 21.06
CA VAL D 294 -5.29 7.07 22.44
C VAL D 294 -6.72 6.60 22.64
N PHE D 295 -6.94 5.83 23.70
CA PHE D 295 -8.28 5.38 24.11
C PHE D 295 -8.64 6.02 25.44
N GLU D 296 -9.91 6.38 25.60
CA GLU D 296 -10.41 6.97 26.84
C GLU D 296 -11.73 6.35 27.23
N PHE D 297 -11.84 5.94 28.49
CA PHE D 297 -13.05 5.28 29.00
C PHE D 297 -13.19 5.42 30.51
N LYS D 298 -14.44 5.45 30.98
CA LYS D 298 -14.73 5.48 32.41
C LYS D 298 -14.93 4.05 32.92
N ALA D 299 -14.31 3.76 34.05
CA ALA D 299 -14.39 2.43 34.69
C ALA D 299 -15.63 2.33 35.58
N LEU D 300 -16.81 2.36 34.97
CA LEU D 300 -18.07 2.40 35.72
C LEU D 300 -18.49 1.05 36.32
N ALA D 301 -17.86 -0.04 35.87
CA ALA D 301 -18.14 -1.39 36.37
C ALA D 301 -16.93 -1.98 37.09
N THR D 302 -17.20 -2.62 38.23
CA THR D 302 -16.17 -3.23 39.06
C THR D 302 -15.86 -4.66 38.58
N GLY D 303 -14.75 -5.22 39.09
CA GLY D 303 -14.36 -6.61 38.80
C GLY D 303 -13.24 -6.72 37.78
N ASP D 304 -13.02 -7.96 37.30
CA ASP D 304 -11.98 -8.25 36.32
C ASP D 304 -12.54 -8.16 34.91
N PHE D 305 -11.71 -7.67 33.99
CA PHE D 305 -12.10 -7.50 32.59
C PHE D 305 -10.95 -7.84 31.66
N LEU D 306 -11.24 -8.60 30.61
CA LEU D 306 -10.21 -9.11 29.72
C LEU D 306 -9.88 -8.13 28.59
N ILE D 307 -8.62 -7.71 28.51
CA ILE D 307 -8.13 -6.84 27.45
C ILE D 307 -7.66 -7.73 26.34
N VAL D 308 -8.17 -7.55 25.13
CA VAL D 308 -7.83 -8.45 24.04
C VAL D 308 -7.97 -7.84 22.66
N ASP D 309 -7.21 -8.36 21.71
CA ASP D 309 -7.48 -8.14 20.29
C ASP D 309 -8.76 -8.90 20.05
N HIS D 310 -9.68 -8.37 19.24
CA HIS D 310 -10.95 -9.06 19.06
C HIS D 310 -10.92 -10.15 17.98
N ALA D 311 -9.78 -10.34 17.33
CA ALA D 311 -9.54 -11.57 16.60
C ALA D 311 -9.31 -12.59 17.71
N LEU D 312 -10.38 -13.27 18.11
CA LEU D 312 -10.39 -13.97 19.38
C LEU D 312 -9.43 -15.15 19.52
N PHE D 313 -9.23 -15.91 18.46
CA PHE D 313 -8.24 -16.98 18.49
C PHE D 313 -6.82 -16.42 18.70
N ARG D 314 -6.66 -15.12 18.46
CA ARG D 314 -5.44 -14.43 18.82
C ARG D 314 -5.20 -14.40 20.31
N VAL D 315 -6.29 -14.31 21.07
CA VAL D 315 -6.22 -14.27 22.53
C VAL D 315 -5.54 -15.52 23.12
N PRO D 316 -5.92 -16.74 22.67
CA PRO D 316 -5.19 -17.91 23.17
C PRO D 316 -3.71 -17.82 22.90
N LYS D 317 -3.36 -17.27 21.74
CA LYS D 317 -1.97 -17.05 21.35
C LYS D 317 -1.22 -15.98 22.16
N GLY D 318 -1.94 -15.28 23.04
CA GLY D 318 -1.32 -14.35 23.98
C GLY D 318 -1.88 -12.94 23.91
N ALA D 319 -2.74 -12.65 22.93
CA ALA D 319 -3.42 -11.34 22.84
C ALA D 319 -4.49 -11.25 23.92
N GLY D 320 -4.05 -11.27 25.17
CA GLY D 320 -4.92 -11.37 26.33
C GLY D 320 -4.29 -10.67 27.50
N GLY D 321 -5.04 -9.74 28.09
CA GLY D 321 -4.61 -8.96 29.24
C GLY D 321 -5.71 -8.89 30.27
N LEU D 322 -5.49 -8.12 31.32
CA LEU D 322 -6.39 -8.10 32.47
C LEU D 322 -6.48 -6.70 33.10
N LEU D 323 -7.69 -6.15 33.13
CA LEU D 323 -7.97 -4.86 33.75
C LEU D 323 -8.78 -5.08 35.02
N HIS D 324 -8.35 -4.45 36.12
CA HIS D 324 -9.02 -4.60 37.42
C HIS D 324 -9.70 -3.32 37.87
N VAL D 325 -10.96 -3.43 38.28
CA VAL D 325 -11.73 -2.29 38.79
C VAL D 325 -12.25 -2.59 40.18
N LYS D 326 -11.93 -1.73 41.14
CA LYS D 326 -12.27 -1.88 42.55
C LYS D 326 -13.32 -0.86 43.01
#